data_2M5Z
#
_entry.id   2M5Z
#
_entity_poly.entity_id   1
_entity_poly.type   'polypeptide(L)'
_entity_poly.pdbx_seq_one_letter_code
;(FME)GAIAKLVAKFGWPIVKKYYKQIMQFIGEGWAINKIIDWIKKHI
;
_entity_poly.pdbx_strand_id   A
#
# COMPACT_ATOMS: atom_id res chain seq x y z
N FME A 1 3.30 -6.06 12.53
CN FME A 1 2.89 -4.74 12.47
O1 FME A 1 3.24 -3.95 11.61
CA FME A 1 4.03 -6.57 11.33
CB FME A 1 5.01 -7.71 11.70
CG FME A 1 6.39 -7.23 12.20
SD FME A 1 7.41 -6.78 10.76
CE FME A 1 8.86 -6.18 11.67
C FME A 1 3.10 -6.88 10.16
O FME A 1 2.00 -7.41 10.32
HCN FME A 1 2.19 -4.43 13.27
HA FME A 1 4.69 -5.77 10.94
HB2 FME A 1 4.52 -8.31 12.51
HB3 FME A 1 5.15 -8.38 10.83
HG2 FME A 1 6.27 -6.36 12.88
HG3 FME A 1 6.88 -8.05 12.78
HE1 FME A 1 9.79 -6.38 11.10
HE2 FME A 1 8.93 -6.67 12.67
HE3 FME A 1 8.77 -5.08 11.82
N GLY A 2 3.58 -6.56 8.97
CA GLY A 2 2.82 -6.81 7.76
C GLY A 2 1.99 -5.62 7.33
N ALA A 3 2.64 -4.47 7.20
CA ALA A 3 1.96 -3.24 6.79
C ALA A 3 2.11 -3.00 5.29
N ILE A 4 3.36 -2.99 4.83
CA ILE A 4 3.63 -2.77 3.42
C ILE A 4 3.56 -4.07 2.63
N ALA A 5 3.98 -5.17 3.27
CA ALA A 5 3.96 -6.48 2.63
C ALA A 5 2.56 -6.82 2.12
N LYS A 6 1.55 -6.22 2.74
CA LYS A 6 0.17 -6.47 2.35
C LYS A 6 -0.08 -6.02 0.92
N LEU A 7 0.71 -5.07 0.45
CA LEU A 7 0.59 -4.56 -0.91
C LEU A 7 1.49 -5.33 -1.87
N VAL A 8 2.55 -5.92 -1.33
CA VAL A 8 3.49 -6.69 -2.14
C VAL A 8 2.87 -7.99 -2.61
N ALA A 9 2.55 -8.87 -1.67
CA ALA A 9 1.94 -10.16 -1.98
C ALA A 9 0.67 -9.98 -2.80
N LYS A 10 0.04 -8.81 -2.65
CA LYS A 10 -1.20 -8.51 -3.38
C LYS A 10 -0.89 -8.01 -4.78
N PHE A 11 -0.27 -6.84 -4.86
CA PHE A 11 0.08 -6.25 -6.16
C PHE A 11 1.43 -6.79 -6.65
N GLY A 12 2.50 -6.31 -6.04
CA GLY A 12 3.83 -6.75 -6.43
C GLY A 12 4.93 -5.89 -5.83
N TRP A 13 6.10 -6.48 -5.67
CA TRP A 13 7.25 -5.76 -5.10
C TRP A 13 7.50 -4.46 -5.85
N PRO A 14 7.74 -4.57 -7.16
CA PRO A 14 8.01 -3.41 -8.02
C PRO A 14 6.77 -2.54 -8.22
N ILE A 15 5.63 -3.02 -7.72
CA ILE A 15 4.37 -2.29 -7.84
C ILE A 15 4.10 -1.45 -6.60
N VAL A 16 4.73 -1.83 -5.49
CA VAL A 16 4.56 -1.12 -4.24
C VAL A 16 5.66 -0.10 -4.02
N LYS A 17 6.82 -0.36 -4.64
CA LYS A 17 7.96 0.53 -4.51
C LYS A 17 7.68 1.87 -5.19
N LYS A 18 6.78 1.86 -6.16
CA LYS A 18 6.41 3.07 -6.89
C LYS A 18 5.43 3.92 -6.09
N TYR A 19 4.61 3.25 -5.28
CA TYR A 19 3.63 3.93 -4.46
C TYR A 19 4.00 3.87 -2.98
N TYR A 20 5.29 3.71 -2.71
CA TYR A 20 5.78 3.62 -1.34
C TYR A 20 5.72 4.98 -0.66
N LYS A 21 5.76 6.04 -1.45
CA LYS A 21 5.71 7.40 -0.92
C LYS A 21 4.29 7.77 -0.50
N GLN A 22 3.35 6.88 -0.78
CA GLN A 22 1.95 7.11 -0.43
C GLN A 22 1.47 6.09 0.59
N ILE A 23 1.60 4.81 0.24
CA ILE A 23 1.17 3.73 1.12
C ILE A 23 1.77 3.91 2.52
N MET A 24 3.08 3.72 2.63
CA MET A 24 3.77 3.86 3.90
C MET A 24 3.53 5.24 4.50
N GLN A 25 3.23 6.20 3.64
CA GLN A 25 2.98 7.57 4.08
C GLN A 25 1.60 7.70 4.71
N PHE A 26 0.72 6.77 4.38
CA PHE A 26 -0.65 6.78 4.91
C PHE A 26 -0.73 6.00 6.20
N ILE A 27 -0.18 4.79 6.19
CA ILE A 27 -0.19 3.93 7.37
C ILE A 27 0.34 4.67 8.59
N GLY A 28 1.24 5.62 8.35
CA GLY A 28 1.80 6.39 9.45
C GLY A 28 0.75 7.10 10.27
N GLU A 29 -0.42 7.29 9.69
CA GLU A 29 -1.52 7.97 10.37
C GLU A 29 -2.44 6.95 11.07
N GLY A 30 -3.25 6.26 10.28
CA GLY A 30 -4.16 5.27 10.83
C GLY A 30 -5.09 4.70 9.78
N TRP A 31 -4.55 4.38 8.61
CA TRP A 31 -5.34 3.81 7.53
C TRP A 31 -5.81 2.40 7.86
N ALA A 32 -6.55 1.80 6.94
CA ALA A 32 -7.06 0.44 7.14
C ALA A 32 -6.42 -0.53 6.16
N ILE A 33 -6.86 -1.79 6.20
CA ILE A 33 -6.33 -2.81 5.31
C ILE A 33 -7.10 -2.84 3.98
N ASN A 34 -8.30 -2.29 3.99
CA ASN A 34 -9.13 -2.26 2.79
C ASN A 34 -9.09 -0.87 2.13
N LYS A 35 -8.03 -0.12 2.43
CA LYS A 35 -7.87 1.22 1.87
C LYS A 35 -6.69 1.25 0.91
N ILE A 36 -5.49 1.03 1.43
CA ILE A 36 -4.29 1.04 0.61
C ILE A 36 -4.44 0.15 -0.61
N ILE A 37 -5.17 -0.96 -0.45
CA ILE A 37 -5.40 -1.89 -1.53
C ILE A 37 -6.21 -1.25 -2.65
N ASP A 38 -7.45 -0.89 -2.33
CA ASP A 38 -8.34 -0.26 -3.30
C ASP A 38 -7.74 1.05 -3.82
N TRP A 39 -6.83 1.62 -3.03
CA TRP A 39 -6.19 2.88 -3.41
C TRP A 39 -5.21 2.66 -4.56
N ILE A 40 -4.26 1.76 -4.37
CA ILE A 40 -3.27 1.46 -5.39
C ILE A 40 -3.93 1.04 -6.69
N LYS A 41 -4.73 -0.02 -6.63
CA LYS A 41 -5.43 -0.52 -7.81
C LYS A 41 -6.20 0.60 -8.50
N LYS A 42 -6.73 1.52 -7.71
CA LYS A 42 -7.49 2.65 -8.24
C LYS A 42 -6.58 3.60 -9.01
N HIS A 43 -5.37 3.77 -8.52
CA HIS A 43 -4.40 4.66 -9.16
C HIS A 43 -3.87 4.05 -10.45
N ILE A 44 -3.21 2.90 -10.35
CA ILE A 44 -2.67 2.22 -11.51
C ILE A 44 -3.74 2.02 -12.58
N FME A 1 5.15 -3.89 11.76
CN FME A 1 3.90 -3.30 11.69
O1 FME A 1 3.34 -3.01 10.66
CA FME A 1 5.72 -4.39 10.49
CB FME A 1 7.22 -4.70 10.59
CG FME A 1 8.16 -3.52 10.27
SD FME A 1 8.27 -3.35 8.46
CE FME A 1 10.03 -2.88 8.36
C FME A 1 4.88 -5.50 9.86
O FME A 1 4.31 -6.35 10.55
HCN FME A 1 3.41 -3.10 12.67
HA FME A 1 5.67 -3.58 9.70
HB2 FME A 1 7.42 -5.02 11.65
HB3 FME A 1 7.48 -5.57 9.94
HG2 FME A 1 7.76 -2.58 10.72
HG3 FME A 1 9.17 -3.70 10.70
HE1 FME A 1 10.48 -3.27 7.43
HE2 FME A 1 10.57 -3.27 9.24
HE3 FME A 1 10.10 -1.77 8.36
N GLY A 2 4.82 -5.50 8.53
CA GLY A 2 4.09 -6.51 7.81
C GLY A 2 2.78 -5.99 7.24
N ALA A 3 2.68 -4.66 7.11
CA ALA A 3 1.48 -4.04 6.57
C ALA A 3 1.64 -3.72 5.09
N ILE A 4 2.88 -3.48 4.68
CA ILE A 4 3.17 -3.16 3.28
C ILE A 4 3.10 -4.40 2.40
N ALA A 5 3.48 -5.54 2.97
CA ALA A 5 3.46 -6.80 2.25
C ALA A 5 2.08 -7.07 1.64
N LYS A 6 1.05 -6.52 2.27
CA LYS A 6 -0.32 -6.69 1.80
C LYS A 6 -0.48 -6.12 0.38
N LEU A 7 0.28 -5.07 0.08
CA LEU A 7 0.22 -4.44 -1.23
C LEU A 7 1.12 -5.17 -2.23
N VAL A 8 2.14 -5.85 -1.70
CA VAL A 8 3.08 -6.59 -2.54
C VAL A 8 2.40 -7.81 -3.16
N ALA A 9 1.91 -8.70 -2.32
CA ALA A 9 1.25 -9.92 -2.79
C ALA A 9 -0.04 -9.58 -3.54
N LYS A 10 -0.61 -8.40 -3.24
CA LYS A 10 -1.84 -7.97 -3.89
C LYS A 10 -1.55 -7.37 -5.26
N PHE A 11 -0.53 -6.50 -5.31
CA PHE A 11 -0.16 -5.86 -6.56
C PHE A 11 1.17 -6.40 -7.08
N GLY A 12 2.27 -5.97 -6.43
CA GLY A 12 3.59 -6.43 -6.83
C GLY A 12 4.70 -5.66 -6.14
N TRP A 13 5.84 -6.33 -5.95
CA TRP A 13 6.97 -5.70 -5.29
C TRP A 13 7.32 -4.36 -5.93
N PRO A 14 7.60 -4.39 -7.24
CA PRO A 14 7.94 -3.19 -8.01
C PRO A 14 6.75 -2.26 -8.19
N ILE A 15 5.57 -2.72 -7.77
CA ILE A 15 4.35 -1.92 -7.90
C ILE A 15 4.08 -1.15 -6.60
N VAL A 16 4.63 -1.63 -5.50
CA VAL A 16 4.45 -0.99 -4.21
C VAL A 16 5.60 -0.02 -3.91
N LYS A 17 6.77 -0.31 -4.47
CA LYS A 17 7.95 0.52 -4.26
C LYS A 17 7.74 1.91 -4.86
N LYS A 18 6.87 2.00 -5.86
CA LYS A 18 6.58 3.27 -6.51
C LYS A 18 5.61 4.09 -5.68
N TYR A 19 4.73 3.42 -4.95
CA TYR A 19 3.75 4.09 -4.12
C TYR A 19 4.06 3.90 -2.64
N TYR A 20 5.34 3.73 -2.34
CA TYR A 20 5.78 3.54 -0.96
C TYR A 20 5.81 4.87 -0.20
N LYS A 21 5.56 5.96 -0.93
CA LYS A 21 5.57 7.28 -0.34
C LYS A 21 4.16 7.67 0.13
N GLN A 22 3.17 6.88 -0.27
CA GLN A 22 1.79 7.13 0.11
C GLN A 22 1.29 6.09 1.10
N ILE A 23 1.39 4.82 0.70
CA ILE A 23 0.95 3.73 1.56
C ILE A 23 1.56 3.82 2.94
N MET A 24 2.87 3.62 3.02
CA MET A 24 3.58 3.70 4.29
C MET A 24 3.36 5.05 4.96
N GLN A 25 3.06 6.07 4.16
CA GLN A 25 2.82 7.41 4.68
C GLN A 25 1.45 7.51 5.31
N PHE A 26 0.54 6.63 4.91
CA PHE A 26 -0.82 6.62 5.44
C PHE A 26 -0.89 5.81 6.73
N ILE A 27 -0.35 4.59 6.68
CA ILE A 27 -0.35 3.71 7.85
C ILE A 27 0.20 4.42 9.07
N GLY A 28 1.09 5.38 8.84
CA GLY A 28 1.69 6.12 9.94
C GLY A 28 0.66 6.85 10.78
N GLU A 29 -0.54 7.03 10.23
CA GLU A 29 -1.62 7.71 10.92
C GLU A 29 -2.57 6.70 11.56
N GLY A 30 -3.40 6.08 10.73
CA GLY A 30 -4.35 5.09 11.23
C GLY A 30 -5.37 4.70 10.19
N TRP A 31 -4.90 4.35 9.00
CA TRP A 31 -5.77 3.93 7.91
C TRP A 31 -6.41 2.59 8.20
N ALA A 32 -7.22 2.12 7.27
CA ALA A 32 -7.89 0.82 7.42
C ALA A 32 -7.01 -0.32 6.94
N ILE A 33 -7.60 -1.51 6.83
CA ILE A 33 -6.86 -2.68 6.39
C ILE A 33 -7.16 -2.99 4.92
N ASN A 34 -8.29 -2.50 4.44
CA ASN A 34 -8.69 -2.73 3.06
C ASN A 34 -8.77 -1.40 2.30
N LYS A 35 -8.03 -0.41 2.78
CA LYS A 35 -8.01 0.91 2.14
C LYS A 35 -6.83 1.03 1.20
N ILE A 36 -5.63 0.80 1.73
CA ILE A 36 -4.41 0.89 0.93
C ILE A 36 -4.53 0.07 -0.35
N ILE A 37 -5.22 -1.06 -0.25
CA ILE A 37 -5.41 -1.93 -1.41
C ILE A 37 -6.24 -1.24 -2.49
N ASP A 38 -7.42 -0.75 -2.10
CA ASP A 38 -8.31 -0.07 -3.03
C ASP A 38 -7.69 1.24 -3.50
N TRP A 39 -6.80 1.80 -2.69
CA TRP A 39 -6.14 3.06 -3.04
C TRP A 39 -5.24 2.88 -4.26
N ILE A 40 -4.30 1.96 -4.17
CA ILE A 40 -3.38 1.69 -5.28
C ILE A 40 -4.14 1.25 -6.53
N LYS A 41 -5.07 0.32 -6.36
CA LYS A 41 -5.87 -0.18 -7.47
C LYS A 41 -6.50 0.97 -8.25
N LYS A 42 -6.83 2.05 -7.55
CA LYS A 42 -7.45 3.21 -8.17
C LYS A 42 -6.40 4.02 -8.95
N HIS A 43 -5.26 4.26 -8.32
CA HIS A 43 -4.18 5.02 -8.96
C HIS A 43 -3.76 4.35 -10.27
N ILE A 44 -3.25 3.13 -10.18
CA ILE A 44 -2.81 2.40 -11.35
C ILE A 44 -3.90 2.36 -12.41
N FME A 1 3.36 -7.70 12.05
CN FME A 1 2.25 -6.90 11.90
O1 FME A 1 2.15 -6.01 11.07
CA FME A 1 4.39 -7.61 10.98
CB FME A 1 5.63 -8.48 11.30
CG FME A 1 6.45 -8.02 12.51
SD FME A 1 7.27 -9.48 13.26
CE FME A 1 7.08 -9.00 15.00
C FME A 1 3.82 -7.79 9.58
O FME A 1 3.44 -8.88 9.17
HCN FME A 1 1.41 -7.11 12.59
HA FME A 1 4.80 -6.56 10.95
HB2 FME A 1 5.26 -9.52 11.50
HB3 FME A 1 6.30 -8.54 10.40
HG2 FME A 1 7.21 -7.27 12.21
HG3 FME A 1 5.78 -7.54 13.27
HE1 FME A 1 6.86 -7.91 15.08
HE2 FME A 1 8.00 -9.24 15.57
HE3 FME A 1 6.23 -9.57 15.44
N GLY A 2 3.78 -6.69 8.84
CA GLY A 2 3.27 -6.73 7.48
C GLY A 2 2.48 -5.49 7.12
N ALA A 3 3.06 -4.32 7.36
CA ALA A 3 2.40 -3.06 7.05
C ALA A 3 2.47 -2.75 5.56
N ILE A 4 3.66 -2.90 4.98
CA ILE A 4 3.86 -2.64 3.56
C ILE A 4 3.91 -3.93 2.77
N ALA A 5 4.40 -4.99 3.40
CA ALA A 5 4.50 -6.30 2.75
C ALA A 5 3.14 -6.75 2.22
N LYS A 6 2.08 -6.23 2.81
CA LYS A 6 0.72 -6.59 2.40
C LYS A 6 0.44 -6.09 0.98
N LEU A 7 1.00 -4.93 0.64
CA LEU A 7 0.81 -4.35 -0.67
C LEU A 7 1.66 -5.07 -1.71
N VAL A 8 2.76 -5.66 -1.26
CA VAL A 8 3.68 -6.38 -2.15
C VAL A 8 3.02 -7.66 -2.67
N ALA A 9 2.62 -8.53 -1.76
CA ALA A 9 1.99 -9.79 -2.13
C ALA A 9 0.64 -9.54 -2.81
N LYS A 10 0.04 -8.40 -2.51
CA LYS A 10 -1.26 -8.04 -3.08
C LYS A 10 -1.09 -7.50 -4.49
N PHE A 11 -0.10 -6.62 -4.68
CA PHE A 11 0.17 -6.02 -5.98
C PHE A 11 1.50 -6.51 -6.53
N GLY A 12 2.59 -6.00 -5.99
CA GLY A 12 3.91 -6.38 -6.44
C GLY A 12 5.00 -5.51 -5.87
N TRP A 13 6.19 -6.08 -5.70
CA TRP A 13 7.33 -5.33 -5.15
C TRP A 13 7.53 -4.02 -5.91
N PRO A 14 7.74 -4.12 -7.23
CA PRO A 14 7.95 -2.95 -8.08
C PRO A 14 6.68 -2.11 -8.25
N ILE A 15 5.57 -2.62 -7.73
CA ILE A 15 4.30 -1.92 -7.81
C ILE A 15 4.04 -1.10 -6.56
N VAL A 16 4.68 -1.49 -5.45
CA VAL A 16 4.53 -0.79 -4.19
C VAL A 16 5.62 0.27 -4.01
N LYS A 17 6.76 0.04 -4.63
CA LYS A 17 7.89 0.97 -4.53
C LYS A 17 7.55 2.30 -5.22
N LYS A 18 6.63 2.25 -6.18
CA LYS A 18 6.22 3.44 -6.90
C LYS A 18 5.24 4.28 -6.07
N TYR A 19 4.49 3.60 -5.21
CA TYR A 19 3.51 4.28 -4.36
C TYR A 19 3.92 4.19 -2.89
N TYR A 20 5.22 4.05 -2.65
CA TYR A 20 5.74 3.95 -1.29
C TYR A 20 5.69 5.30 -0.60
N LYS A 21 5.55 6.36 -1.38
CA LYS A 21 5.47 7.72 -0.84
C LYS A 21 4.06 8.06 -0.41
N GLN A 22 3.16 7.08 -0.52
CA GLN A 22 1.77 7.28 -0.14
C GLN A 22 1.31 6.23 0.86
N ILE A 23 1.45 4.96 0.47
CA ILE A 23 1.06 3.85 1.34
C ILE A 23 1.68 4.00 2.72
N MET A 24 2.99 3.85 2.80
CA MET A 24 3.70 3.97 4.07
C MET A 24 3.44 5.32 4.72
N GLN A 25 3.09 6.30 3.90
CA GLN A 25 2.81 7.65 4.39
C GLN A 25 1.43 7.72 5.03
N PHE A 26 0.57 6.77 4.67
CA PHE A 26 -0.79 6.74 5.21
C PHE A 26 -0.85 5.89 6.48
N ILE A 27 -0.28 4.68 6.42
CA ILE A 27 -0.26 3.78 7.56
C ILE A 27 0.26 4.48 8.81
N GLY A 28 1.14 5.46 8.60
CA GLY A 28 1.70 6.19 9.72
C GLY A 28 0.64 6.83 10.59
N GLU A 29 -0.54 7.04 10.03
CA GLU A 29 -1.65 7.65 10.75
C GLU A 29 -2.51 6.58 11.42
N GLY A 30 -3.23 5.81 10.60
CA GLY A 30 -4.08 4.76 11.13
C GLY A 30 -5.04 4.22 10.09
N TRP A 31 -4.59 4.15 8.83
CA TRP A 31 -5.41 3.66 7.75
C TRP A 31 -5.89 2.24 8.03
N ALA A 32 -6.66 1.68 7.10
CA ALA A 32 -7.19 0.33 7.26
C ALA A 32 -6.34 -0.68 6.50
N ILE A 33 -6.83 -1.91 6.39
CA ILE A 33 -6.11 -2.97 5.69
C ILE A 33 -6.61 -3.14 4.27
N ASN A 34 -7.73 -2.48 3.97
CA ASN A 34 -8.32 -2.55 2.63
C ASN A 34 -8.19 -1.22 1.90
N LYS A 35 -8.08 -0.14 2.67
CA LYS A 35 -7.94 1.19 2.10
C LYS A 35 -6.77 1.26 1.12
N ILE A 36 -5.57 1.04 1.64
CA ILE A 36 -4.37 1.06 0.80
C ILE A 36 -4.53 0.18 -0.42
N ILE A 37 -5.23 -0.94 -0.26
CA ILE A 37 -5.46 -1.86 -1.36
C ILE A 37 -6.30 -1.21 -2.46
N ASP A 38 -7.51 -0.79 -2.10
CA ASP A 38 -8.41 -0.15 -3.06
C ASP A 38 -7.83 1.17 -3.55
N TRP A 39 -6.86 1.69 -2.82
CA TRP A 39 -6.21 2.95 -3.19
C TRP A 39 -5.23 2.74 -4.35
N ILE A 40 -4.25 1.87 -4.14
CA ILE A 40 -3.25 1.58 -5.16
C ILE A 40 -3.91 1.17 -6.47
N LYS A 41 -4.76 0.15 -6.40
CA LYS A 41 -5.47 -0.34 -7.58
C LYS A 41 -6.17 0.79 -8.30
N LYS A 42 -6.67 1.76 -7.54
CA LYS A 42 -7.36 2.90 -8.12
C LYS A 42 -6.51 3.58 -9.18
N HIS A 43 -5.24 3.80 -8.88
CA HIS A 43 -4.32 4.44 -9.82
C HIS A 43 -3.94 3.47 -10.94
N ILE A 44 -3.12 2.49 -10.62
CA ILE A 44 -2.69 1.50 -11.60
C ILE A 44 -3.88 0.87 -12.32
N FME A 1 2.45 -7.80 12.50
CN FME A 1 1.75 -8.97 12.26
O1 FME A 1 1.72 -9.54 11.20
CA FME A 1 3.40 -7.37 11.45
CB FME A 1 4.68 -8.25 11.43
CG FME A 1 4.57 -9.52 10.57
SD FME A 1 6.23 -10.09 10.12
CE FME A 1 5.92 -11.87 10.15
C FME A 1 2.73 -7.18 10.09
O FME A 1 1.51 -7.25 9.94
HCN FME A 1 1.20 -9.38 13.13
HA FME A 1 3.78 -6.35 11.68
HB2 FME A 1 5.50 -7.62 11.01
HB3 FME A 1 4.96 -8.53 12.47
HG2 FME A 1 4.03 -10.32 11.13
HG3 FME A 1 3.98 -9.31 9.64
HE1 FME A 1 4.82 -12.06 10.16
HE2 FME A 1 6.39 -12.34 11.03
HE3 FME A 1 6.35 -12.33 9.23
N GLY A 2 3.57 -6.94 9.07
CA GLY A 2 3.06 -6.76 7.73
C GLY A 2 2.45 -5.39 7.51
N ALA A 3 3.25 -4.44 7.05
CA ALA A 3 2.78 -3.09 6.81
C ALA A 3 2.79 -2.76 5.31
N ILE A 4 3.93 -2.96 4.68
CA ILE A 4 4.07 -2.69 3.26
C ILE A 4 3.99 -3.98 2.44
N ALA A 5 4.48 -5.07 3.02
CA ALA A 5 4.46 -6.36 2.35
C ALA A 5 3.04 -6.73 1.92
N LYS A 6 2.06 -6.20 2.62
CA LYS A 6 0.66 -6.46 2.31
C LYS A 6 0.33 -6.07 0.88
N LEU A 7 0.91 -4.97 0.41
CA LEU A 7 0.68 -4.49 -0.94
C LEU A 7 1.53 -5.25 -1.94
N VAL A 8 2.64 -5.83 -1.45
CA VAL A 8 3.53 -6.60 -2.30
C VAL A 8 2.87 -7.87 -2.81
N ALA A 9 2.59 -8.79 -1.90
CA ALA A 9 1.95 -10.05 -2.26
C ALA A 9 0.65 -9.81 -3.02
N LYS A 10 0.03 -8.66 -2.77
CA LYS A 10 -1.22 -8.31 -3.43
C LYS A 10 -0.96 -7.81 -4.85
N PHE A 11 -0.37 -6.62 -4.96
CA PHE A 11 -0.07 -6.02 -6.25
C PHE A 11 1.23 -6.59 -6.81
N GLY A 12 2.35 -6.13 -6.25
CA GLY A 12 3.65 -6.59 -6.71
C GLY A 12 4.80 -5.79 -6.13
N TRP A 13 5.95 -6.42 -5.96
CA TRP A 13 7.12 -5.75 -5.41
C TRP A 13 7.40 -4.44 -6.15
N PRO A 14 7.60 -4.53 -7.47
CA PRO A 14 7.88 -3.37 -8.32
C PRO A 14 6.66 -2.46 -8.46
N ILE A 15 5.52 -2.92 -7.95
CA ILE A 15 4.28 -2.15 -8.03
C ILE A 15 4.07 -1.32 -6.76
N VAL A 16 4.70 -1.75 -5.67
CA VAL A 16 4.58 -1.05 -4.39
C VAL A 16 5.72 -0.07 -4.20
N LYS A 17 6.86 -0.36 -4.83
CA LYS A 17 8.03 0.51 -4.72
C LYS A 17 7.73 1.89 -5.29
N LYS A 18 6.78 1.96 -6.20
CA LYS A 18 6.40 3.23 -6.81
C LYS A 18 5.45 4.01 -5.90
N TYR A 19 4.50 3.31 -5.31
CA TYR A 19 3.53 3.94 -4.42
C TYR A 19 3.91 3.71 -2.96
N TYR A 20 5.19 3.54 -2.70
CA TYR A 20 5.69 3.30 -1.35
C TYR A 20 5.70 4.60 -0.55
N LYS A 21 6.00 5.71 -1.23
CA LYS A 21 6.05 7.01 -0.59
C LYS A 21 4.64 7.50 -0.22
N GLN A 22 3.63 6.77 -0.70
CA GLN A 22 2.25 7.13 -0.43
C GLN A 22 1.65 6.21 0.62
N ILE A 23 1.76 4.90 0.41
CA ILE A 23 1.24 3.92 1.34
C ILE A 23 1.78 4.15 2.75
N MET A 24 3.08 3.98 2.91
CA MET A 24 3.73 4.17 4.20
C MET A 24 3.47 5.57 4.73
N GLN A 25 3.21 6.51 3.83
CA GLN A 25 2.94 7.89 4.20
C GLN A 25 1.55 8.03 4.81
N PHE A 26 0.69 7.06 4.52
CA PHE A 26 -0.68 7.09 5.03
C PHE A 26 -0.77 6.35 6.37
N ILE A 27 -0.25 5.12 6.39
CA ILE A 27 -0.28 4.31 7.60
C ILE A 27 0.29 5.09 8.79
N GLY A 28 1.21 6.00 8.52
CA GLY A 28 1.80 6.80 9.56
C GLY A 28 0.77 7.53 10.40
N GLU A 29 -0.40 7.76 9.81
CA GLU A 29 -1.48 8.45 10.51
C GLU A 29 -2.40 7.47 11.21
N GLY A 30 -3.24 6.78 10.44
CA GLY A 30 -4.16 5.82 11.00
C GLY A 30 -5.16 5.31 9.98
N TRP A 31 -4.66 4.92 8.81
CA TRP A 31 -5.52 4.40 7.75
C TRP A 31 -6.10 3.05 8.12
N ALA A 32 -6.91 2.47 7.23
CA ALA A 32 -7.52 1.18 7.47
C ALA A 32 -6.62 0.04 6.98
N ILE A 33 -7.18 -1.17 6.94
CA ILE A 33 -6.42 -2.33 6.50
C ILE A 33 -6.82 -2.72 5.08
N ASN A 34 -7.92 -2.16 4.60
CA ASN A 34 -8.40 -2.45 3.25
C ASN A 34 -8.51 -1.17 2.42
N LYS A 35 -7.79 -0.14 2.85
CA LYS A 35 -7.81 1.15 2.15
C LYS A 35 -6.64 1.25 1.18
N ILE A 36 -5.43 1.04 1.70
CA ILE A 36 -4.23 1.12 0.87
C ILE A 36 -4.38 0.26 -0.39
N ILE A 37 -5.06 -0.86 -0.26
CA ILE A 37 -5.28 -1.76 -1.39
C ILE A 37 -6.13 -1.11 -2.46
N ASP A 38 -7.32 -0.66 -2.07
CA ASP A 38 -8.23 0.00 -3.00
C ASP A 38 -7.65 1.30 -3.52
N TRP A 39 -6.75 1.89 -2.73
CA TRP A 39 -6.11 3.15 -3.11
C TRP A 39 -5.21 2.95 -4.33
N ILE A 40 -4.37 1.92 -4.28
CA ILE A 40 -3.45 1.63 -5.37
C ILE A 40 -4.21 1.14 -6.60
N LYS A 41 -5.27 0.36 -6.36
CA LYS A 41 -6.08 -0.17 -7.45
C LYS A 41 -6.76 0.95 -8.23
N LYS A 42 -7.20 1.98 -7.52
CA LYS A 42 -7.86 3.12 -8.15
C LYS A 42 -6.84 4.00 -8.88
N HIS A 43 -5.60 3.98 -8.40
CA HIS A 43 -4.55 4.77 -9.01
C HIS A 43 -4.07 4.14 -10.32
N ILE A 44 -3.56 2.93 -10.24
CA ILE A 44 -3.07 2.22 -11.42
C ILE A 44 -4.14 2.17 -12.51
N FME A 1 8.84 -6.04 9.22
CN FME A 1 8.65 -7.04 10.15
O1 FME A 1 7.60 -7.24 10.73
CA FME A 1 7.62 -5.35 8.72
CB FME A 1 7.96 -4.26 7.68
CG FME A 1 8.29 -2.88 8.28
SD FME A 1 6.73 -1.99 8.61
CE FME A 1 7.44 -0.38 9.03
C FME A 1 6.53 -6.32 8.30
O FME A 1 6.78 -7.41 7.77
HCN FME A 1 9.54 -7.66 10.38
HA FME A 1 7.15 -4.79 9.56
HB2 FME A 1 8.85 -4.61 7.11
HB3 FME A 1 7.12 -4.15 6.96
HG2 FME A 1 8.87 -2.99 9.22
HG3 FME A 1 8.91 -2.29 7.57
HE1 FME A 1 7.82 -0.38 10.07
HE2 FME A 1 6.68 0.42 8.92
HE3 FME A 1 8.28 -0.16 8.34
N GLY A 2 5.28 -5.90 8.53
CA GLY A 2 4.14 -6.71 8.14
C GLY A 2 2.92 -5.88 7.81
N ALA A 3 3.14 -4.70 7.25
CA ALA A 3 2.06 -3.81 6.89
C ALA A 3 2.10 -3.46 5.41
N ILE A 4 3.30 -3.25 4.89
CA ILE A 4 3.49 -2.92 3.49
C ILE A 4 3.43 -4.16 2.61
N ALA A 5 3.84 -5.29 3.18
CA ALA A 5 3.83 -6.56 2.45
C ALA A 5 2.44 -6.87 1.91
N LYS A 6 1.42 -6.31 2.56
CA LYS A 6 0.04 -6.54 2.16
C LYS A 6 -0.18 -6.10 0.71
N LEU A 7 0.40 -4.96 0.35
CA LEU A 7 0.27 -4.44 -1.00
C LEU A 7 1.16 -5.19 -1.98
N VAL A 8 2.23 -5.80 -1.44
CA VAL A 8 3.16 -6.56 -2.27
C VAL A 8 2.49 -7.79 -2.85
N ALA A 9 1.71 -8.49 -2.03
CA ALA A 9 1.02 -9.70 -2.47
C ALA A 9 -0.27 -9.34 -3.21
N LYS A 10 -0.80 -8.16 -2.93
CA LYS A 10 -2.02 -7.70 -3.57
C LYS A 10 -1.74 -7.12 -4.96
N PHE A 11 -0.55 -6.55 -5.11
CA PHE A 11 -0.14 -5.95 -6.38
C PHE A 11 1.20 -6.53 -6.84
N GLY A 12 2.27 -6.09 -6.21
CA GLY A 12 3.59 -6.56 -6.57
C GLY A 12 4.70 -5.77 -5.91
N TRP A 13 5.84 -6.42 -5.69
CA TRP A 13 6.99 -5.76 -5.06
C TRP A 13 7.32 -4.45 -5.76
N PRO A 14 7.60 -4.53 -7.07
CA PRO A 14 7.94 -3.35 -7.88
C PRO A 14 6.75 -2.44 -8.10
N ILE A 15 5.57 -2.89 -7.67
CA ILE A 15 4.35 -2.10 -7.81
C ILE A 15 4.07 -1.29 -6.55
N VAL A 16 4.61 -1.73 -5.43
CA VAL A 16 4.43 -1.05 -4.16
C VAL A 16 5.57 -0.07 -3.89
N LYS A 17 6.74 -0.36 -4.44
CA LYS A 17 7.90 0.50 -4.27
C LYS A 17 7.67 1.87 -4.86
N LYS A 18 6.85 1.93 -5.91
CA LYS A 18 6.53 3.19 -6.58
C LYS A 18 5.56 4.01 -5.75
N TYR A 19 4.67 3.33 -5.03
CA TYR A 19 3.69 4.02 -4.20
C TYR A 19 4.06 3.92 -2.73
N TYR A 20 5.36 3.74 -2.46
CA TYR A 20 5.85 3.63 -1.09
C TYR A 20 5.89 5.00 -0.42
N LYS A 21 5.73 6.04 -1.22
CA LYS A 21 5.75 7.41 -0.70
C LYS A 21 4.34 7.86 -0.31
N GLN A 22 3.42 6.92 -0.23
CA GLN A 22 2.04 7.22 0.14
C GLN A 22 1.48 6.16 1.09
N ILE A 23 1.60 4.90 0.69
CA ILE A 23 1.10 3.80 1.49
C ILE A 23 1.68 3.85 2.91
N MET A 24 2.99 3.65 3.00
CA MET A 24 3.68 3.68 4.29
C MET A 24 3.47 5.02 5.00
N GLN A 25 3.13 6.05 4.22
CA GLN A 25 2.90 7.38 4.76
C GLN A 25 1.50 7.50 5.33
N PHE A 26 0.60 6.64 4.86
CA PHE A 26 -0.78 6.66 5.32
C PHE A 26 -0.95 5.80 6.58
N ILE A 27 -0.33 4.63 6.58
CA ILE A 27 -0.41 3.72 7.72
C ILE A 27 0.05 4.41 9.00
N GLY A 28 0.90 5.43 8.85
CA GLY A 28 1.40 6.15 10.00
C GLY A 28 0.35 7.05 10.62
N GLU A 29 -0.81 7.15 9.96
CA GLU A 29 -1.89 7.99 10.46
C GLU A 29 -2.97 7.14 11.12
N GLY A 30 -3.72 6.40 10.31
CA GLY A 30 -4.77 5.55 10.83
C GLY A 30 -5.68 5.02 9.74
N TRP A 31 -5.08 4.47 8.68
CA TRP A 31 -5.85 3.92 7.57
C TRP A 31 -6.33 2.50 7.88
N ALA A 32 -7.01 1.90 6.92
CA ALA A 32 -7.52 0.54 7.09
C ALA A 32 -6.88 -0.42 6.10
N ILE A 33 -7.33 -1.67 6.10
CA ILE A 33 -6.80 -2.69 5.21
C ILE A 33 -7.51 -2.65 3.85
N ASN A 34 -8.71 -2.09 3.84
CA ASN A 34 -9.50 -1.99 2.61
C ASN A 34 -9.37 -0.61 1.99
N LYS A 35 -8.31 0.11 2.37
CA LYS A 35 -8.07 1.44 1.84
C LYS A 35 -6.85 1.46 0.92
N ILE A 36 -5.68 1.25 1.50
CA ILE A 36 -4.44 1.23 0.73
C ILE A 36 -4.57 0.32 -0.50
N ILE A 37 -5.36 -0.75 -0.35
CA ILE A 37 -5.57 -1.69 -1.44
C ILE A 37 -6.20 -1.02 -2.65
N ASP A 38 -7.44 -0.58 -2.50
CA ASP A 38 -8.17 0.08 -3.57
C ASP A 38 -7.45 1.37 -3.98
N TRP A 39 -6.80 2.01 -3.01
CA TRP A 39 -6.09 3.26 -3.27
C TRP A 39 -5.07 3.08 -4.40
N ILE A 40 -4.43 1.92 -4.43
CA ILE A 40 -3.44 1.63 -5.47
C ILE A 40 -4.10 1.07 -6.72
N LYS A 41 -5.12 0.24 -6.52
CA LYS A 41 -5.84 -0.37 -7.63
C LYS A 41 -6.47 0.71 -8.52
N LYS A 42 -6.82 1.84 -7.91
CA LYS A 42 -7.43 2.95 -8.64
C LYS A 42 -6.36 3.88 -9.21
N HIS A 43 -5.21 3.92 -8.55
CA HIS A 43 -4.11 4.77 -8.99
C HIS A 43 -3.39 4.16 -10.19
N ILE A 44 -3.46 2.84 -10.30
CA ILE A 44 -2.82 2.13 -11.41
C ILE A 44 -3.77 1.98 -12.60
N FME A 1 8.18 -6.09 8.98
CN FME A 1 8.29 -5.20 10.03
O1 FME A 1 7.69 -4.15 10.09
CA FME A 1 7.08 -5.85 8.02
CB FME A 1 7.50 -6.17 6.56
CG FME A 1 7.38 -7.66 6.17
SD FME A 1 8.46 -8.65 7.26
CE FME A 1 10.03 -8.28 6.45
C FME A 1 5.75 -6.47 8.44
O FME A 1 5.67 -7.23 9.42
HCN FME A 1 8.99 -5.50 10.84
HA FME A 1 6.84 -4.76 7.99
HB2 FME A 1 6.83 -5.58 5.88
HB3 FME A 1 8.55 -5.83 6.39
HG2 FME A 1 6.33 -8.01 6.27
HG3 FME A 1 7.68 -7.80 5.11
HE1 FME A 1 10.76 -9.10 6.62
HE2 FME A 1 10.46 -7.33 6.83
HE3 FME A 1 9.87 -8.17 5.35
N GLY A 2 4.71 -6.14 7.70
CA GLY A 2 3.39 -6.68 7.99
C GLY A 2 2.27 -5.86 7.38
N ALA A 3 2.35 -4.54 7.54
CA ALA A 3 1.34 -3.64 7.00
C ALA A 3 1.57 -3.38 5.52
N ILE A 4 2.84 -3.20 5.14
CA ILE A 4 3.20 -2.95 3.76
C ILE A 4 3.16 -4.24 2.94
N ALA A 5 3.51 -5.35 3.58
CA ALA A 5 3.51 -6.64 2.90
C ALA A 5 2.14 -6.96 2.30
N LYS A 6 1.10 -6.35 2.87
CA LYS A 6 -0.26 -6.56 2.39
C LYS A 6 -0.39 -6.18 0.92
N LEU A 7 0.35 -5.15 0.52
CA LEU A 7 0.33 -4.70 -0.88
C LEU A 7 1.30 -5.50 -1.73
N VAL A 8 2.32 -6.07 -1.09
CA VAL A 8 3.31 -6.86 -1.80
C VAL A 8 2.71 -8.18 -2.27
N ALA A 9 1.81 -8.74 -1.48
CA ALA A 9 1.16 -10.01 -1.82
C ALA A 9 -0.15 -9.76 -2.55
N LYS A 10 -0.33 -8.55 -3.07
CA LYS A 10 -1.54 -8.19 -3.79
C LYS A 10 -1.19 -7.54 -5.13
N PHE A 11 -0.18 -6.70 -5.13
CA PHE A 11 0.25 -6.01 -6.34
C PHE A 11 1.63 -6.49 -6.79
N GLY A 12 2.67 -6.07 -6.08
CA GLY A 12 4.02 -6.46 -6.43
C GLY A 12 5.07 -5.66 -5.70
N TRP A 13 6.21 -6.28 -5.42
CA TRP A 13 7.29 -5.62 -4.72
C TRP A 13 7.62 -4.28 -5.38
N PRO A 14 7.97 -4.32 -6.67
CA PRO A 14 8.32 -3.13 -7.44
C PRO A 14 7.11 -2.23 -7.70
N ILE A 15 5.94 -2.71 -7.30
CA ILE A 15 4.70 -1.95 -7.48
C ILE A 15 4.30 -1.23 -6.20
N VAL A 16 4.79 -1.73 -5.08
CA VAL A 16 4.49 -1.14 -3.77
C VAL A 16 5.55 -0.12 -3.38
N LYS A 17 6.78 -0.33 -3.85
CA LYS A 17 7.89 0.58 -3.55
C LYS A 17 7.72 1.90 -4.26
N LYS A 18 7.00 1.88 -5.39
CA LYS A 18 6.76 3.09 -6.17
C LYS A 18 5.76 3.99 -5.48
N TYR A 19 4.96 3.41 -4.59
CA TYR A 19 3.95 4.17 -3.85
C TYR A 19 4.19 4.08 -2.35
N TYR A 20 5.41 3.76 -1.97
CA TYR A 20 5.76 3.64 -0.56
C TYR A 20 5.66 4.99 0.15
N LYS A 21 5.84 6.06 -0.60
CA LYS A 21 5.75 7.41 -0.05
C LYS A 21 4.30 7.77 0.26
N GLN A 22 3.37 6.93 -0.17
CA GLN A 22 1.96 7.16 0.07
C GLN A 22 1.40 6.17 1.09
N ILE A 23 1.48 4.89 0.75
CA ILE A 23 0.99 3.84 1.64
C ILE A 23 1.57 3.99 3.04
N MET A 24 2.88 3.82 3.16
CA MET A 24 3.55 3.95 4.45
C MET A 24 3.28 5.31 5.08
N GLN A 25 3.04 6.31 4.24
CA GLN A 25 2.76 7.65 4.71
C GLN A 25 1.35 7.76 5.27
N PHE A 26 0.49 6.84 4.85
CA PHE A 26 -0.89 6.82 5.31
C PHE A 26 -1.04 6.02 6.60
N ILE A 27 -0.49 4.81 6.60
CA ILE A 27 -0.56 3.95 7.78
C ILE A 27 -0.06 4.68 9.02
N GLY A 28 0.85 5.62 8.82
CA GLY A 28 1.39 6.39 9.93
C GLY A 28 0.32 7.12 10.72
N GLU A 29 -0.84 7.30 10.09
CA GLU A 29 -1.95 8.00 10.73
C GLU A 29 -2.90 7.01 11.39
N GLY A 30 -3.62 6.24 10.57
CA GLY A 30 -4.55 5.27 11.10
C GLY A 30 -5.54 4.79 10.05
N TRP A 31 -5.05 4.64 8.81
CA TRP A 31 -5.90 4.20 7.71
C TRP A 31 -6.52 2.84 8.04
N ALA A 32 -7.32 2.32 7.10
CA ALA A 32 -7.97 1.03 7.28
C ALA A 32 -7.07 -0.11 6.83
N ILE A 33 -7.64 -1.32 6.74
CA ILE A 33 -6.89 -2.49 6.33
C ILE A 33 -7.18 -2.83 4.87
N ASN A 34 -8.31 -2.36 4.36
CA ASN A 34 -8.70 -2.62 2.98
C ASN A 34 -8.75 -1.32 2.18
N LYS A 35 -8.03 -0.31 2.66
CA LYS A 35 -7.99 0.98 1.99
C LYS A 35 -6.79 1.06 1.06
N ILE A 36 -5.60 0.89 1.62
CA ILE A 36 -4.37 0.94 0.83
C ILE A 36 -4.46 0.05 -0.40
N ILE A 37 -5.22 -1.04 -0.28
CA ILE A 37 -5.39 -1.98 -1.38
C ILE A 37 -6.10 -1.31 -2.56
N ASP A 38 -7.34 -0.89 -2.32
CA ASP A 38 -8.14 -0.23 -3.36
C ASP A 38 -7.46 1.06 -3.82
N TRP A 39 -6.71 1.68 -2.92
CA TRP A 39 -6.01 2.92 -3.23
C TRP A 39 -5.07 2.74 -4.41
N ILE A 40 -4.19 1.74 -4.31
CA ILE A 40 -3.22 1.46 -5.35
C ILE A 40 -3.92 0.90 -6.59
N LYS A 41 -4.90 0.03 -6.38
CA LYS A 41 -5.65 -0.56 -7.47
C LYS A 41 -6.17 0.50 -8.43
N LYS A 42 -7.11 1.31 -7.94
CA LYS A 42 -7.69 2.38 -8.76
C LYS A 42 -6.61 3.31 -9.29
N HIS A 43 -5.51 3.42 -8.55
CA HIS A 43 -4.40 4.27 -8.95
C HIS A 43 -3.74 3.75 -10.21
N ILE A 44 -3.07 2.60 -10.09
CA ILE A 44 -2.39 2.00 -11.23
C ILE A 44 -3.34 1.79 -12.41
N FME A 1 3.42 -5.04 12.02
CN FME A 1 2.06 -4.83 12.21
O1 FME A 1 1.21 -5.62 11.88
CA FME A 1 3.83 -6.41 11.61
CB FME A 1 3.54 -7.45 12.71
CG FME A 1 4.66 -7.60 13.77
SD FME A 1 5.99 -8.65 13.09
CE FME A 1 5.66 -10.13 14.08
C FME A 1 3.33 -6.78 10.21
O FME A 1 2.43 -7.62 10.05
HCN FME A 1 1.80 -3.88 12.70
HA FME A 1 4.94 -6.43 11.48
HB2 FME A 1 2.61 -7.14 13.23
HB3 FME A 1 3.36 -8.45 12.25
HG2 FME A 1 5.06 -6.60 14.04
HG3 FME A 1 4.25 -8.05 14.70
HE1 FME A 1 6.19 -11.00 13.66
HE2 FME A 1 4.57 -10.34 14.12
HE3 FME A 1 6.02 -9.96 15.12
N GLY A 2 3.94 -6.17 9.21
CA GLY A 2 3.57 -6.46 7.84
C GLY A 2 2.44 -5.59 7.34
N ALA A 3 2.74 -4.31 7.10
CA ALA A 3 1.74 -3.37 6.62
C ALA A 3 1.91 -3.09 5.13
N ILE A 4 3.17 -2.97 4.71
CA ILE A 4 3.46 -2.69 3.30
C ILE A 4 3.38 -3.97 2.47
N ALA A 5 3.78 -5.09 3.07
CA ALA A 5 3.75 -6.38 2.39
C ALA A 5 2.34 -6.68 1.87
N LYS A 6 1.33 -6.09 2.50
CA LYS A 6 -0.05 -6.31 2.10
C LYS A 6 -0.29 -5.81 0.69
N LEU A 7 0.53 -4.85 0.25
CA LEU A 7 0.40 -4.29 -1.09
C LEU A 7 1.28 -5.05 -2.09
N VAL A 8 2.34 -5.67 -1.57
CA VAL A 8 3.26 -6.42 -2.42
C VAL A 8 2.59 -7.66 -2.98
N ALA A 9 2.28 -8.62 -2.11
CA ALA A 9 1.63 -9.85 -2.53
C ALA A 9 0.37 -9.57 -3.34
N LYS A 10 -0.26 -8.43 -3.06
CA LYS A 10 -1.47 -8.04 -3.75
C LYS A 10 -1.16 -7.52 -5.16
N PHE A 11 -0.39 -6.44 -5.21
CA PHE A 11 -0.01 -5.84 -6.50
C PHE A 11 1.34 -6.40 -6.97
N GLY A 12 2.42 -5.93 -6.35
CA GLY A 12 3.74 -6.38 -6.71
C GLY A 12 4.84 -5.56 -6.05
N TRP A 13 5.99 -6.18 -5.84
CA TRP A 13 7.12 -5.51 -5.21
C TRP A 13 7.42 -4.19 -5.91
N PRO A 14 7.71 -4.27 -7.22
CA PRO A 14 8.02 -3.09 -8.03
C PRO A 14 6.80 -2.19 -8.25
N ILE A 15 5.65 -2.67 -7.80
CA ILE A 15 4.41 -1.90 -7.94
C ILE A 15 4.11 -1.09 -6.69
N VAL A 16 4.68 -1.53 -5.57
CA VAL A 16 4.48 -0.84 -4.30
C VAL A 16 5.61 0.16 -4.03
N LYS A 17 6.78 -0.11 -4.59
CA LYS A 17 7.94 0.75 -4.41
C LYS A 17 7.70 2.10 -5.07
N LYS A 18 6.84 2.13 -6.08
CA LYS A 18 6.52 3.36 -6.79
C LYS A 18 5.52 4.20 -6.00
N TYR A 19 4.72 3.53 -5.18
CA TYR A 19 3.71 4.22 -4.37
C TYR A 19 4.03 4.11 -2.89
N TYR A 20 5.32 3.92 -2.58
CA TYR A 20 5.76 3.80 -1.19
C TYR A 20 5.65 5.13 -0.47
N LYS A 21 5.75 6.22 -1.22
CA LYS A 21 5.67 7.56 -0.65
C LYS A 21 4.23 7.90 -0.28
N GLN A 22 3.31 7.03 -0.66
CA GLN A 22 1.89 7.24 -0.37
C GLN A 22 1.40 6.24 0.67
N ILE A 23 1.49 4.96 0.34
CA ILE A 23 1.06 3.90 1.24
C ILE A 23 1.69 4.04 2.62
N MET A 24 3.02 3.88 2.67
CA MET A 24 3.74 4.00 3.92
C MET A 24 3.50 5.36 4.57
N GLN A 25 3.17 6.35 3.74
CA GLN A 25 2.92 7.70 4.23
C GLN A 25 1.54 7.80 4.86
N PHE A 26 0.65 6.89 4.47
CA PHE A 26 -0.71 6.86 5.00
C PHE A 26 -0.78 6.11 6.31
N ILE A 27 -0.17 4.92 6.34
CA ILE A 27 -0.16 4.09 7.54
C ILE A 27 0.37 4.87 8.74
N GLY A 28 1.20 5.86 8.47
CA GLY A 28 1.77 6.67 9.54
C GLY A 28 0.71 7.45 10.29
N GLU A 29 -0.48 7.54 9.72
CA GLU A 29 -1.58 8.27 10.34
C GLU A 29 -2.52 7.31 11.07
N GLY A 30 -3.25 6.51 10.30
CA GLY A 30 -4.18 5.57 10.89
C GLY A 30 -5.19 5.03 9.88
N TRP A 31 -4.69 4.61 8.74
CA TRP A 31 -5.56 4.07 7.69
C TRP A 31 -6.08 2.70 8.05
N ALA A 32 -6.88 2.10 7.17
CA ALA A 32 -7.44 0.78 7.41
C ALA A 32 -6.50 -0.31 6.90
N ILE A 33 -7.01 -1.54 6.87
CA ILE A 33 -6.22 -2.68 6.42
C ILE A 33 -6.57 -3.06 4.99
N ASN A 34 -7.67 -2.49 4.49
CA ASN A 34 -8.13 -2.78 3.13
C ASN A 34 -8.22 -1.49 2.31
N LYS A 35 -7.82 -0.38 2.91
CA LYS A 35 -7.86 0.91 2.24
C LYS A 35 -6.69 1.06 1.27
N ILE A 36 -5.47 0.92 1.78
CA ILE A 36 -4.27 1.03 0.96
C ILE A 36 -4.39 0.18 -0.29
N ILE A 37 -5.00 -1.00 -0.16
CA ILE A 37 -5.18 -1.91 -1.28
C ILE A 37 -6.10 -1.30 -2.33
N ASP A 38 -7.21 -0.72 -1.87
CA ASP A 38 -8.17 -0.10 -2.78
C ASP A 38 -7.65 1.22 -3.31
N TRP A 39 -6.68 1.80 -2.62
CA TRP A 39 -6.10 3.07 -3.02
C TRP A 39 -5.23 2.89 -4.26
N ILE A 40 -4.28 1.97 -4.19
CA ILE A 40 -3.39 1.70 -5.31
C ILE A 40 -4.16 1.20 -6.53
N LYS A 41 -5.04 0.24 -6.31
CA LYS A 41 -5.85 -0.32 -7.38
C LYS A 41 -6.56 0.78 -8.16
N LYS A 42 -7.12 1.74 -7.43
CA LYS A 42 -7.82 2.86 -8.05
C LYS A 42 -6.86 3.76 -8.81
N HIS A 43 -5.68 3.98 -8.24
CA HIS A 43 -4.66 4.82 -8.86
C HIS A 43 -4.17 4.21 -10.17
N ILE A 44 -3.58 3.02 -10.07
CA ILE A 44 -3.07 2.32 -11.24
C ILE A 44 -4.14 2.20 -12.33
N FME A 1 6.01 -3.99 9.77
CN FME A 1 6.72 -3.83 8.60
O1 FME A 1 7.25 -4.74 7.99
CA FME A 1 5.68 -5.38 10.16
CB FME A 1 5.91 -5.63 11.67
CG FME A 1 6.28 -7.09 12.03
SD FME A 1 6.32 -7.25 13.85
CE FME A 1 4.97 -8.44 14.02
C FME A 1 4.32 -5.86 9.64
O FME A 1 3.39 -6.13 10.39
HCN FME A 1 6.79 -2.80 8.22
HA FME A 1 6.39 -6.09 9.66
HB2 FME A 1 6.75 -4.97 11.99
HB3 FME A 1 5.01 -5.33 12.24
HG2 FME A 1 5.54 -7.80 11.60
HG3 FME A 1 7.28 -7.33 11.61
HE1 FME A 1 3.99 -7.91 14.09
HE2 FME A 1 5.11 -9.07 14.94
HE3 FME A 1 4.94 -9.11 13.13
N GLY A 2 4.24 -5.96 8.31
CA GLY A 2 3.01 -6.42 7.68
C GLY A 2 2.14 -5.28 7.21
N ALA A 3 2.77 -4.13 6.95
CA ALA A 3 2.04 -2.95 6.48
C ALA A 3 2.18 -2.78 4.97
N ILE A 4 3.42 -2.79 4.49
CA ILE A 4 3.69 -2.64 3.07
C ILE A 4 3.59 -3.98 2.34
N ALA A 5 3.96 -5.05 3.03
CA ALA A 5 3.91 -6.39 2.45
C ALA A 5 2.50 -6.74 2.02
N LYS A 6 1.52 -6.05 2.59
CA LYS A 6 0.11 -6.30 2.27
C LYS A 6 -0.18 -5.95 0.82
N LEU A 7 0.57 -4.99 0.29
CA LEU A 7 0.39 -4.56 -1.10
C LEU A 7 1.22 -5.43 -2.04
N VAL A 8 2.30 -6.01 -1.52
CA VAL A 8 3.17 -6.85 -2.31
C VAL A 8 2.48 -8.15 -2.71
N ALA A 9 1.60 -8.63 -1.83
CA ALA A 9 0.87 -9.86 -2.08
C ALA A 9 -0.48 -9.57 -2.76
N LYS A 10 -0.61 -8.37 -3.30
CA LYS A 10 -1.84 -7.97 -3.96
C LYS A 10 -1.55 -7.40 -5.36
N PHE A 11 -0.55 -6.54 -5.43
CA PHE A 11 -0.17 -5.92 -6.70
C PHE A 11 1.15 -6.49 -7.21
N GLY A 12 2.25 -6.08 -6.59
CA GLY A 12 3.55 -6.55 -6.99
C GLY A 12 4.68 -5.78 -6.32
N TRP A 13 5.82 -6.45 -6.16
CA TRP A 13 6.98 -5.82 -5.52
C TRP A 13 7.31 -4.48 -6.17
N PRO A 14 7.56 -4.52 -7.50
CA PRO A 14 7.90 -3.32 -8.27
C PRO A 14 6.70 -2.39 -8.43
N ILE A 15 5.54 -2.84 -7.99
CA ILE A 15 4.32 -2.05 -8.08
C ILE A 15 4.06 -1.30 -6.79
N VAL A 16 4.62 -1.81 -5.69
CA VAL A 16 4.44 -1.18 -4.39
C VAL A 16 5.58 -0.21 -4.08
N LYS A 17 6.73 -0.46 -4.69
CA LYS A 17 7.91 0.39 -4.49
C LYS A 17 7.67 1.79 -5.05
N LYS A 18 6.76 1.89 -6.01
CA LYS A 18 6.43 3.17 -6.63
C LYS A 18 5.51 3.99 -5.73
N TYR A 19 4.46 3.35 -5.22
CA TYR A 19 3.50 4.02 -4.35
C TYR A 19 3.82 3.74 -2.89
N TYR A 20 5.06 3.37 -2.62
CA TYR A 20 5.48 3.08 -1.26
C TYR A 20 5.43 4.31 -0.38
N LYS A 21 5.85 5.45 -0.94
CA LYS A 21 5.84 6.71 -0.21
C LYS A 21 4.44 7.04 0.30
N GLN A 22 3.48 7.10 -0.62
CA GLN A 22 2.10 7.40 -0.27
C GLN A 22 1.58 6.42 0.78
N ILE A 23 1.66 5.13 0.47
CA ILE A 23 1.20 4.10 1.38
C ILE A 23 1.79 4.29 2.78
N MET A 24 3.11 4.20 2.87
CA MET A 24 3.80 4.37 4.14
C MET A 24 3.46 5.70 4.77
N GLN A 25 3.14 6.70 3.94
CA GLN A 25 2.79 8.02 4.43
C GLN A 25 1.40 8.02 5.06
N PHE A 26 0.58 7.05 4.66
CA PHE A 26 -0.78 6.94 5.18
C PHE A 26 -0.80 6.13 6.48
N ILE A 27 -0.21 4.94 6.42
CA ILE A 27 -0.17 4.05 7.58
C ILE A 27 0.38 4.79 8.80
N GLY A 28 1.25 5.77 8.56
CA GLY A 28 1.82 6.53 9.65
C GLY A 28 0.77 7.19 10.52
N GLU A 29 -0.43 7.36 9.97
CA GLU A 29 -1.52 7.99 10.71
C GLU A 29 -2.40 6.93 11.37
N GLY A 30 -3.21 6.25 10.57
CA GLY A 30 -4.09 5.22 11.10
C GLY A 30 -5.09 4.73 10.07
N TRP A 31 -4.61 4.44 8.87
CA TRP A 31 -5.46 3.95 7.80
C TRP A 31 -6.02 2.57 8.12
N ALA A 32 -6.81 2.03 7.21
CA ALA A 32 -7.40 0.70 7.40
C ALA A 32 -6.50 -0.39 6.84
N ILE A 33 -7.03 -1.60 6.76
CA ILE A 33 -6.27 -2.73 6.23
C ILE A 33 -6.69 -3.07 4.81
N ASN A 34 -7.79 -2.46 4.37
CA ASN A 34 -8.31 -2.70 3.03
C ASN A 34 -8.43 -1.39 2.25
N LYS A 35 -7.72 -0.37 2.70
CA LYS A 35 -7.74 0.94 2.05
C LYS A 35 -6.58 1.09 1.08
N ILE A 36 -5.36 0.91 1.60
CA ILE A 36 -4.16 1.03 0.78
C ILE A 36 -4.28 0.19 -0.49
N ILE A 37 -5.00 -0.92 -0.39
CA ILE A 37 -5.21 -1.79 -1.54
C ILE A 37 -6.08 -1.14 -2.60
N ASP A 38 -7.23 -0.62 -2.17
CA ASP A 38 -8.16 0.04 -3.08
C ASP A 38 -7.58 1.37 -3.57
N TRP A 39 -6.70 1.96 -2.77
CA TRP A 39 -6.09 3.23 -3.13
C TRP A 39 -5.14 3.06 -4.32
N ILE A 40 -4.34 2.00 -4.29
CA ILE A 40 -3.40 1.73 -5.36
C ILE A 40 -4.11 1.24 -6.61
N LYS A 41 -5.04 0.32 -6.43
CA LYS A 41 -5.81 -0.23 -7.55
C LYS A 41 -6.50 0.88 -8.33
N LYS A 42 -7.00 1.88 -7.62
CA LYS A 42 -7.68 3.01 -8.25
C LYS A 42 -6.69 3.92 -8.96
N HIS A 43 -5.45 3.92 -8.48
CA HIS A 43 -4.40 4.74 -9.06
C HIS A 43 -3.87 4.12 -10.35
N ILE A 44 -3.39 2.88 -10.25
CA ILE A 44 -2.87 2.17 -11.42
C ILE A 44 -3.86 2.18 -12.57
N FME A 1 6.48 -4.15 9.59
CN FME A 1 7.37 -3.09 9.64
O1 FME A 1 8.55 -3.19 9.39
CA FME A 1 6.97 -5.40 8.95
CB FME A 1 7.61 -6.36 9.99
CG FME A 1 6.65 -6.84 11.10
SD FME A 1 7.61 -7.73 12.36
CE FME A 1 7.65 -6.43 13.62
C FME A 1 5.94 -6.04 8.03
O FME A 1 6.17 -6.23 6.84
HCN FME A 1 6.94 -2.11 9.94
HA FME A 1 7.82 -5.15 8.26
HB2 FME A 1 7.98 -7.25 9.43
HB3 FME A 1 8.50 -5.87 10.46
HG2 FME A 1 6.12 -5.98 11.56
HG3 FME A 1 5.88 -7.52 10.65
HE1 FME A 1 6.61 -6.09 13.85
HE2 FME A 1 8.25 -5.57 13.26
HE3 FME A 1 8.11 -6.84 14.56
N GLY A 2 4.79 -6.36 8.61
CA GLY A 2 3.72 -6.96 7.83
C GLY A 2 2.63 -5.97 7.48
N ALA A 3 3.04 -4.71 7.26
CA ALA A 3 2.08 -3.66 6.91
C ALA A 3 2.22 -3.27 5.44
N ILE A 4 3.42 -3.45 4.89
CA ILE A 4 3.67 -3.11 3.50
C ILE A 4 3.70 -4.37 2.63
N ALA A 5 4.15 -5.47 3.21
CA ALA A 5 4.24 -6.74 2.49
C ALA A 5 2.88 -7.10 1.88
N LYS A 6 1.81 -6.88 2.63
CA LYS A 6 0.48 -7.18 2.16
C LYS A 6 0.22 -6.55 0.79
N LEU A 7 0.74 -5.34 0.60
CA LEU A 7 0.58 -4.63 -0.66
C LEU A 7 1.36 -5.31 -1.78
N VAL A 8 2.50 -5.89 -1.44
CA VAL A 8 3.34 -6.57 -2.41
C VAL A 8 2.61 -7.75 -3.02
N ALA A 9 2.33 -8.76 -2.22
CA ALA A 9 1.63 -9.96 -2.67
C ALA A 9 0.30 -9.59 -3.31
N LYS A 10 -0.25 -8.44 -2.90
CA LYS A 10 -1.53 -7.98 -3.43
C LYS A 10 -1.36 -7.40 -4.83
N PHE A 11 -0.30 -6.63 -5.03
CA PHE A 11 -0.02 -6.01 -6.32
C PHE A 11 1.30 -6.49 -6.88
N GLY A 12 2.40 -5.99 -6.33
CA GLY A 12 3.71 -6.38 -6.79
C GLY A 12 4.82 -5.59 -6.12
N TRP A 13 5.98 -6.21 -5.96
CA TRP A 13 7.13 -5.56 -5.33
C TRP A 13 7.41 -4.22 -5.99
N PRO A 14 7.67 -4.25 -7.31
CA PRO A 14 7.97 -3.04 -8.08
C PRO A 14 6.74 -2.14 -8.23
N ILE A 15 5.59 -2.63 -7.79
CA ILE A 15 4.35 -1.87 -7.88
C ILE A 15 4.09 -1.09 -6.59
N VAL A 16 4.66 -1.57 -5.50
CA VAL A 16 4.50 -0.93 -4.20
C VAL A 16 5.62 0.07 -3.93
N LYS A 17 6.78 -0.18 -4.52
CA LYS A 17 7.94 0.68 -4.35
C LYS A 17 7.69 2.06 -4.97
N LYS A 18 6.85 2.09 -5.99
CA LYS A 18 6.52 3.33 -6.68
C LYS A 18 5.55 4.17 -5.85
N TYR A 19 4.79 3.50 -4.99
CA TYR A 19 3.81 4.18 -4.14
C TYR A 19 4.15 4.00 -2.66
N TYR A 20 5.43 3.77 -2.38
CA TYR A 20 5.90 3.57 -1.01
C TYR A 20 5.82 4.88 -0.23
N LYS A 21 5.88 6.00 -0.95
CA LYS A 21 5.81 7.31 -0.32
C LYS A 21 4.38 7.66 0.07
N GLN A 22 3.44 6.78 -0.28
CA GLN A 22 2.04 7.01 0.03
C GLN A 22 1.53 5.96 1.02
N ILE A 23 1.63 4.69 0.63
CA ILE A 23 1.18 3.60 1.49
C ILE A 23 1.78 3.71 2.88
N MET A 24 3.09 3.48 2.98
CA MET A 24 3.78 3.55 4.26
C MET A 24 3.58 4.93 4.90
N GLN A 25 3.30 5.93 4.07
CA GLN A 25 3.10 7.29 4.56
C GLN A 25 1.72 7.44 5.20
N PHE A 26 0.81 6.55 4.83
CA PHE A 26 -0.55 6.58 5.36
C PHE A 26 -0.65 5.75 6.64
N ILE A 27 -0.14 4.53 6.58
CA ILE A 27 -0.17 3.63 7.73
C ILE A 27 0.39 4.31 8.98
N GLY A 28 1.31 5.25 8.77
CA GLY A 28 1.91 5.97 9.88
C GLY A 28 0.88 6.70 10.71
N GLU A 29 -0.29 6.92 10.15
CA GLU A 29 -1.36 7.62 10.85
C GLU A 29 -2.35 6.63 11.47
N GLY A 30 -3.18 6.04 10.62
CA GLY A 30 -4.16 5.08 11.10
C GLY A 30 -5.19 4.72 10.04
N TRP A 31 -4.71 4.39 8.84
CA TRP A 31 -5.60 4.03 7.74
C TRP A 31 -6.28 2.71 8.02
N ALA A 32 -7.11 2.27 7.07
CA ALA A 32 -7.83 1.00 7.20
C ALA A 32 -7.05 -0.14 6.56
N ILE A 33 -7.71 -1.29 6.43
CA ILE A 33 -7.08 -2.46 5.82
C ILE A 33 -7.58 -2.67 4.40
N ASN A 34 -8.58 -1.90 4.00
CA ASN A 34 -9.15 -2.00 2.66
C ASN A 34 -8.98 -0.69 1.90
N LYS A 35 -8.13 0.19 2.42
CA LYS A 35 -7.89 1.49 1.79
C LYS A 35 -6.65 1.42 0.90
N ILE A 36 -5.50 1.13 1.50
CA ILE A 36 -4.25 1.04 0.76
C ILE A 36 -4.40 0.15 -0.47
N ILE A 37 -5.28 -0.84 -0.37
CA ILE A 37 -5.53 -1.76 -1.48
C ILE A 37 -6.18 -1.05 -2.65
N ASP A 38 -7.46 -0.71 -2.49
CA ASP A 38 -8.21 -0.02 -3.53
C ASP A 38 -7.48 1.24 -3.98
N TRP A 39 -6.81 1.90 -3.04
CA TRP A 39 -6.07 3.12 -3.34
C TRP A 39 -5.11 2.90 -4.51
N ILE A 40 -4.38 1.79 -4.47
CA ILE A 40 -3.42 1.47 -5.52
C ILE A 40 -4.13 0.92 -6.75
N LYS A 41 -5.04 -0.02 -6.53
CA LYS A 41 -5.79 -0.63 -7.63
C LYS A 41 -6.45 0.46 -8.49
N LYS A 42 -6.84 1.55 -7.86
CA LYS A 42 -7.49 2.65 -8.56
C LYS A 42 -6.45 3.51 -9.28
N HIS A 43 -5.35 3.80 -8.61
CA HIS A 43 -4.29 4.61 -9.19
C HIS A 43 -3.78 3.99 -10.48
N ILE A 44 -3.21 2.79 -10.37
CA ILE A 44 -2.68 2.09 -11.54
C ILE A 44 -3.73 1.97 -12.64
N FME A 1 4.26 -4.86 12.41
CN FME A 1 3.41 -3.78 12.31
O1 FME A 1 3.34 -3.04 11.35
CA FME A 1 4.95 -5.27 11.16
CB FME A 1 6.24 -6.06 11.44
CG FME A 1 7.51 -5.19 11.58
SD FME A 1 8.98 -6.28 11.49
CE FME A 1 9.88 -5.38 10.19
C FME A 1 4.01 -5.91 10.14
O FME A 1 2.90 -6.34 10.46
HCN FME A 1 2.76 -3.60 13.20
HA FME A 1 5.31 -4.35 10.61
HB2 FME A 1 6.09 -6.62 12.40
HB3 FME A 1 6.41 -6.82 10.64
HG2 FME A 1 7.56 -4.43 10.79
HG3 FME A 1 7.50 -4.67 12.57
HE1 FME A 1 9.76 -4.28 10.35
HE2 FME A 1 9.49 -5.65 9.19
HE3 FME A 1 10.95 -5.63 10.25
N GLY A 2 4.49 -6.00 8.91
CA GLY A 2 3.70 -6.62 7.85
C GLY A 2 2.58 -5.73 7.37
N ALA A 3 2.88 -4.46 7.13
CA ALA A 3 1.88 -3.50 6.67
C ALA A 3 2.02 -3.23 5.18
N ILE A 4 3.26 -3.02 4.74
CA ILE A 4 3.54 -2.75 3.33
C ILE A 4 3.50 -4.03 2.51
N ALA A 5 3.92 -5.13 3.11
CA ALA A 5 3.92 -6.43 2.44
C ALA A 5 2.53 -6.78 1.94
N LYS A 6 1.51 -6.21 2.57
CA LYS A 6 0.13 -6.47 2.19
C LYS A 6 -0.14 -6.04 0.76
N LEU A 7 0.54 -4.99 0.33
CA LEU A 7 0.38 -4.48 -1.03
C LEU A 7 1.27 -5.25 -2.01
N VAL A 8 2.31 -5.88 -1.48
CA VAL A 8 3.23 -6.65 -2.30
C VAL A 8 2.56 -7.89 -2.87
N ALA A 9 2.16 -8.80 -1.99
CA ALA A 9 1.50 -10.03 -2.41
C ALA A 9 0.24 -9.73 -3.20
N LYS A 10 -0.34 -8.56 -2.98
CA LYS A 10 -1.55 -8.15 -3.67
C LYS A 10 -1.22 -7.64 -5.07
N PHE A 11 -0.38 -6.61 -5.15
CA PHE A 11 0.00 -6.03 -6.42
C PHE A 11 1.34 -6.59 -6.89
N GLY A 12 2.42 -6.13 -6.27
CA GLY A 12 3.75 -6.60 -6.62
C GLY A 12 4.85 -5.80 -5.96
N TRP A 13 5.99 -6.44 -5.74
CA TRP A 13 7.13 -5.79 -5.10
C TRP A 13 7.45 -4.47 -5.80
N PRO A 14 7.74 -4.54 -7.10
CA PRO A 14 8.07 -3.37 -7.91
C PRO A 14 6.87 -2.45 -8.12
N ILE A 15 5.70 -2.91 -7.68
CA ILE A 15 4.48 -2.13 -7.83
C ILE A 15 4.19 -1.31 -6.57
N VAL A 16 4.74 -1.76 -5.45
CA VAL A 16 4.54 -1.08 -4.17
C VAL A 16 5.68 -0.11 -3.90
N LYS A 17 6.86 -0.39 -4.45
CA LYS A 17 8.02 0.47 -4.26
C LYS A 17 7.77 1.85 -4.85
N LYS A 18 6.94 1.91 -5.88
CA LYS A 18 6.62 3.19 -6.54
C LYS A 18 5.65 4.00 -5.69
N TYR A 19 4.73 3.32 -5.02
CA TYR A 19 3.76 3.98 -4.17
C TYR A 19 4.16 3.91 -2.70
N TYR A 20 5.46 3.77 -2.46
CA TYR A 20 5.98 3.68 -1.10
C TYR A 20 6.06 5.06 -0.45
N LYS A 21 5.79 6.09 -1.25
CA LYS A 21 5.83 7.47 -0.75
C LYS A 21 4.44 7.93 -0.32
N GLN A 22 3.53 6.98 -0.14
CA GLN A 22 2.17 7.29 0.27
C GLN A 22 1.61 6.22 1.19
N ILE A 23 1.74 4.96 0.77
CA ILE A 23 1.25 3.84 1.57
C ILE A 23 1.78 3.90 2.99
N MET A 24 3.09 3.73 3.15
CA MET A 24 3.71 3.78 4.46
C MET A 24 3.45 5.11 5.16
N GLN A 25 3.15 6.13 4.36
CA GLN A 25 2.87 7.46 4.89
C GLN A 25 1.44 7.55 5.42
N PHE A 26 0.59 6.62 4.98
CA PHE A 26 -0.80 6.59 5.41
C PHE A 26 -0.97 5.70 6.63
N ILE A 27 -0.37 4.51 6.59
CA ILE A 27 -0.45 3.57 7.69
C ILE A 27 0.05 4.20 8.99
N GLY A 28 0.88 5.22 8.86
CA GLY A 28 1.41 5.90 10.04
C GLY A 28 0.50 7.00 10.53
N GLU A 29 -0.71 7.05 9.99
CA GLU A 29 -1.69 8.07 10.38
C GLU A 29 -2.89 7.42 11.07
N GLY A 30 -3.62 6.60 10.32
CA GLY A 30 -4.78 5.94 10.86
C GLY A 30 -5.71 5.41 9.78
N TRP A 31 -5.14 4.74 8.78
CA TRP A 31 -5.91 4.19 7.69
C TRP A 31 -6.46 2.81 8.05
N ALA A 32 -7.17 2.19 7.10
CA ALA A 32 -7.74 0.87 7.32
C ALA A 32 -6.84 -0.21 6.76
N ILE A 33 -7.36 -1.44 6.71
CA ILE A 33 -6.60 -2.57 6.19
C ILE A 33 -7.00 -2.91 4.76
N ASN A 34 -8.09 -2.29 4.31
CA ASN A 34 -8.59 -2.52 2.95
C ASN A 34 -8.65 -1.21 2.16
N LYS A 35 -7.91 -0.21 2.63
CA LYS A 35 -7.88 1.09 1.98
C LYS A 35 -6.70 1.20 1.03
N ILE A 36 -5.50 1.02 1.56
CA ILE A 36 -4.28 1.08 0.75
C ILE A 36 -4.40 0.21 -0.50
N ILE A 37 -5.11 -0.90 -0.37
CA ILE A 37 -5.31 -1.81 -1.49
C ILE A 37 -6.03 -1.12 -2.64
N ASP A 38 -7.25 -0.65 -2.38
CA ASP A 38 -8.03 0.03 -3.40
C ASP A 38 -7.37 1.33 -3.81
N TRP A 39 -6.59 1.91 -2.90
CA TRP A 39 -5.90 3.17 -3.17
C TRP A 39 -4.86 3.00 -4.28
N ILE A 40 -4.30 1.79 -4.37
CA ILE A 40 -3.30 1.50 -5.38
C ILE A 40 -3.94 0.91 -6.63
N LYS A 41 -5.03 0.19 -6.45
CA LYS A 41 -5.74 -0.43 -7.57
C LYS A 41 -6.40 0.63 -8.43
N LYS A 42 -6.96 1.65 -7.80
CA LYS A 42 -7.62 2.74 -8.51
C LYS A 42 -6.61 3.59 -9.28
N HIS A 43 -5.48 3.87 -8.64
CA HIS A 43 -4.43 4.67 -9.27
C HIS A 43 -3.95 4.03 -10.56
N ILE A 44 -3.34 2.84 -10.45
CA ILE A 44 -2.84 2.13 -11.62
C ILE A 44 -3.93 1.99 -12.67
N FME A 1 5.88 -6.51 12.33
CN FME A 1 5.40 -5.76 13.39
O1 FME A 1 5.20 -4.57 13.35
CA FME A 1 5.90 -5.84 11.01
CB FME A 1 7.32 -5.35 10.62
CG FME A 1 7.89 -4.24 11.52
SD FME A 1 7.02 -2.68 11.15
CE FME A 1 8.07 -1.56 12.13
C FME A 1 5.18 -6.63 9.93
O FME A 1 5.45 -7.81 9.69
HCN FME A 1 5.22 -6.33 14.33
HA FME A 1 5.30 -4.89 11.06
HB2 FME A 1 7.99 -6.24 10.69
HB3 FME A 1 7.32 -5.01 9.56
HG2 FME A 1 7.74 -4.50 12.60
HG3 FME A 1 8.98 -4.11 11.33
HE1 FME A 1 7.45 -0.81 12.65
HE2 FME A 1 8.80 -1.04 11.47
HE3 FME A 1 8.64 -2.16 12.88
N GLY A 2 4.26 -5.95 9.24
CA GLY A 2 3.51 -6.58 8.16
C GLY A 2 2.36 -5.73 7.68
N ALA A 3 2.66 -4.51 7.26
CA ALA A 3 1.65 -3.59 6.77
C ALA A 3 1.81 -3.34 5.27
N ILE A 4 3.04 -3.07 4.84
CA ILE A 4 3.32 -2.81 3.44
C ILE A 4 3.31 -4.11 2.63
N ALA A 5 3.70 -5.21 3.27
CA ALA A 5 3.74 -6.50 2.61
C ALA A 5 2.36 -6.86 2.03
N LYS A 6 1.32 -6.28 2.61
CA LYS A 6 -0.04 -6.53 2.15
C LYS A 6 -0.23 -6.05 0.72
N LEU A 7 0.48 -4.98 0.35
CA LEU A 7 0.38 -4.42 -0.99
C LEU A 7 1.30 -5.18 -1.95
N VAL A 8 2.33 -5.82 -1.41
CA VAL A 8 3.27 -6.58 -2.21
C VAL A 8 2.62 -7.84 -2.78
N ALA A 9 2.09 -8.68 -1.88
CA ALA A 9 1.43 -9.92 -2.29
C ALA A 9 0.15 -9.64 -3.06
N LYS A 10 -0.44 -8.48 -2.80
CA LYS A 10 -1.68 -8.09 -3.47
C LYS A 10 -1.40 -7.53 -4.86
N PHE A 11 -0.39 -6.67 -4.95
CA PHE A 11 -0.01 -6.07 -6.23
C PHE A 11 1.33 -6.63 -6.72
N GLY A 12 2.41 -6.18 -6.09
CA GLY A 12 3.73 -6.63 -6.47
C GLY A 12 4.83 -5.80 -5.84
N TRP A 13 5.99 -6.42 -5.61
CA TRP A 13 7.12 -5.73 -5.01
C TRP A 13 7.42 -4.43 -5.76
N PRO A 14 7.70 -4.55 -7.06
CA PRO A 14 8.01 -3.39 -7.91
C PRO A 14 6.79 -2.50 -8.14
N ILE A 15 5.63 -2.96 -7.67
CA ILE A 15 4.39 -2.20 -7.83
C ILE A 15 4.11 -1.35 -6.58
N VAL A 16 4.68 -1.76 -5.46
CA VAL A 16 4.50 -1.04 -4.21
C VAL A 16 5.62 -0.04 -3.97
N LYS A 17 6.79 -0.33 -4.53
CA LYS A 17 7.94 0.54 -4.38
C LYS A 17 7.69 1.90 -5.04
N LYS A 18 6.80 1.91 -6.03
CA LYS A 18 6.47 3.13 -6.74
C LYS A 18 5.48 3.98 -5.94
N TYR A 19 4.61 3.31 -5.19
CA TYR A 19 3.62 4.00 -4.38
C TYR A 19 3.98 3.93 -2.89
N TYR A 20 5.27 3.76 -2.62
CA TYR A 20 5.74 3.67 -1.24
C TYR A 20 5.78 5.05 -0.60
N LYS A 21 5.61 6.09 -1.41
CA LYS A 21 5.62 7.46 -0.92
C LYS A 21 4.21 7.90 -0.52
N GLN A 22 3.30 6.95 -0.47
CA GLN A 22 1.91 7.24 -0.11
C GLN A 22 1.37 6.19 0.86
N ILE A 23 1.46 4.93 0.47
CA ILE A 23 0.99 3.83 1.30
C ILE A 23 1.56 3.92 2.71
N MET A 24 2.86 3.71 2.82
CA MET A 24 3.54 3.76 4.11
C MET A 24 3.33 5.13 4.77
N GLN A 25 3.06 6.14 3.95
CA GLN A 25 2.84 7.49 4.46
C GLN A 25 1.44 7.62 5.05
N PHE A 26 0.55 6.74 4.66
CA PHE A 26 -0.83 6.76 5.15
C PHE A 26 -0.96 5.93 6.43
N ILE A 27 -0.42 4.72 6.40
CA ILE A 27 -0.47 3.82 7.55
C ILE A 27 0.02 4.52 8.81
N GLY A 28 0.91 5.49 8.63
CA GLY A 28 1.46 6.22 9.76
C GLY A 28 0.38 6.86 10.61
N GLU A 29 -0.79 7.07 10.02
CA GLU A 29 -1.91 7.69 10.72
C GLU A 29 -2.81 6.62 11.34
N GLY A 30 -3.61 5.97 10.49
CA GLY A 30 -4.51 4.93 10.96
C GLY A 30 -5.38 4.38 9.85
N TRP A 31 -4.77 4.11 8.70
CA TRP A 31 -5.51 3.58 7.55
C TRP A 31 -5.90 2.13 7.80
N ALA A 32 -6.87 1.64 7.03
CA ALA A 32 -7.35 0.27 7.17
C ALA A 32 -6.48 -0.69 6.34
N ILE A 33 -6.95 -1.92 6.22
CA ILE A 33 -6.21 -2.93 5.46
C ILE A 33 -6.81 -3.11 4.06
N ASN A 34 -7.85 -2.36 3.77
CA ASN A 34 -8.52 -2.42 2.47
C ASN A 34 -8.38 -1.11 1.72
N LYS A 35 -8.22 -0.02 2.47
CA LYS A 35 -8.07 1.30 1.86
C LYS A 35 -6.89 1.34 0.90
N ILE A 36 -5.69 1.12 1.43
CA ILE A 36 -4.49 1.12 0.61
C ILE A 36 -4.65 0.22 -0.62
N ILE A 37 -5.37 -0.87 -0.44
CA ILE A 37 -5.60 -1.82 -1.54
C ILE A 37 -6.43 -1.17 -2.64
N ASP A 38 -7.55 -0.56 -2.26
CA ASP A 38 -8.43 0.09 -3.22
C ASP A 38 -7.87 1.46 -3.63
N TRP A 39 -6.76 1.84 -3.02
CA TRP A 39 -6.12 3.12 -3.32
C TRP A 39 -5.09 2.97 -4.43
N ILE A 40 -4.32 1.88 -4.38
CA ILE A 40 -3.30 1.62 -5.39
C ILE A 40 -3.93 1.21 -6.71
N LYS A 41 -4.80 0.20 -6.64
CA LYS A 41 -5.47 -0.30 -7.84
C LYS A 41 -6.16 0.83 -8.59
N LYS A 42 -6.59 1.85 -7.85
CA LYS A 42 -7.26 3.00 -8.45
C LYS A 42 -6.30 3.79 -9.32
N HIS A 43 -5.07 3.97 -8.82
CA HIS A 43 -4.06 4.71 -9.56
C HIS A 43 -3.59 3.94 -10.78
N ILE A 44 -2.99 2.78 -10.56
CA ILE A 44 -2.50 1.95 -11.64
C ILE A 44 -3.61 1.64 -12.64
N FME A 1 2.33 -5.63 11.58
CN FME A 1 1.05 -5.98 11.98
O1 FME A 1 0.46 -6.95 11.58
CA FME A 1 3.07 -6.66 10.80
CB FME A 1 3.15 -8.02 11.54
CG FME A 1 4.35 -8.89 11.15
SD FME A 1 4.26 -10.46 12.07
CE FME A 1 6.03 -10.63 12.46
C FME A 1 2.61 -6.76 9.35
O FME A 1 1.45 -7.05 9.05
HCN FME A 1 0.59 -5.29 12.71
HA FME A 1 4.14 -6.34 10.70
HB2 FME A 1 3.23 -7.79 12.64
HB3 FME A 1 2.21 -8.58 11.39
HG2 FME A 1 4.34 -9.09 10.06
HG3 FME A 1 5.30 -8.37 11.39
HE1 FME A 1 6.18 -11.36 13.28
HE2 FME A 1 6.45 -9.64 12.77
HE3 FME A 1 6.57 -10.98 11.55
N GLY A 2 3.56 -6.52 8.44
CA GLY A 2 3.26 -6.61 7.02
C GLY A 2 2.47 -5.42 6.53
N ALA A 3 2.79 -4.24 7.04
CA ALA A 3 2.11 -3.01 6.64
C ALA A 3 2.26 -2.76 5.14
N ILE A 4 3.50 -2.75 4.67
CA ILE A 4 3.78 -2.52 3.26
C ILE A 4 3.83 -3.83 2.48
N ALA A 5 4.27 -4.89 3.16
CA ALA A 5 4.37 -6.20 2.54
C ALA A 5 3.00 -6.68 2.05
N LYS A 6 1.95 -6.10 2.61
CA LYS A 6 0.58 -6.46 2.25
C LYS A 6 0.27 -6.02 0.82
N LEU A 7 0.83 -4.88 0.43
CA LEU A 7 0.62 -4.35 -0.92
C LEU A 7 1.48 -5.08 -1.94
N VAL A 8 2.56 -5.70 -1.47
CA VAL A 8 3.46 -6.44 -2.34
C VAL A 8 2.79 -7.70 -2.88
N ALA A 9 2.51 -8.64 -1.99
CA ALA A 9 1.87 -9.89 -2.37
C ALA A 9 0.54 -9.63 -3.07
N LYS A 10 -0.06 -8.47 -2.81
CA LYS A 10 -1.33 -8.11 -3.40
C LYS A 10 -1.12 -7.57 -4.82
N PHE A 11 -0.31 -6.54 -4.94
CA PHE A 11 -0.03 -5.93 -6.24
C PHE A 11 1.29 -6.45 -6.81
N GLY A 12 2.40 -5.96 -6.25
CA GLY A 12 3.70 -6.39 -6.71
C GLY A 12 4.82 -5.57 -6.10
N TRP A 13 5.99 -6.19 -5.95
CA TRP A 13 7.15 -5.50 -5.38
C TRP A 13 7.41 -4.17 -6.09
N PRO A 14 7.61 -4.24 -7.40
CA PRO A 14 7.87 -3.04 -8.22
C PRO A 14 6.64 -2.16 -8.36
N ILE A 15 5.52 -2.65 -7.87
CA ILE A 15 4.26 -1.90 -7.93
C ILE A 15 4.03 -1.10 -6.65
N VAL A 16 4.66 -1.53 -5.57
CA VAL A 16 4.53 -0.85 -4.28
C VAL A 16 5.65 0.15 -4.07
N LYS A 17 6.80 -0.12 -4.69
CA LYS A 17 7.96 0.76 -4.57
C LYS A 17 7.67 2.13 -5.17
N LYS A 18 6.73 2.18 -6.10
CA LYS A 18 6.35 3.43 -6.75
C LYS A 18 5.41 4.23 -5.86
N TYR A 19 4.46 3.54 -5.23
CA TYR A 19 3.50 4.20 -4.35
C TYR A 19 3.85 3.97 -2.89
N TYR A 20 5.14 3.76 -2.62
CA TYR A 20 5.60 3.53 -1.26
C TYR A 20 5.57 4.82 -0.45
N LYS A 21 5.85 5.94 -1.11
CA LYS A 21 5.85 7.23 -0.45
C LYS A 21 4.43 7.68 -0.12
N GLN A 22 3.45 6.94 -0.63
CA GLN A 22 2.05 7.27 -0.40
C GLN A 22 1.45 6.34 0.66
N ILE A 23 1.61 5.03 0.45
CA ILE A 23 1.10 4.04 1.38
C ILE A 23 1.63 4.28 2.79
N MET A 24 2.94 4.15 2.96
CA MET A 24 3.57 4.36 4.25
C MET A 24 3.26 5.74 4.79
N GLN A 25 2.98 6.68 3.89
CA GLN A 25 2.67 8.04 4.29
C GLN A 25 1.26 8.14 4.86
N PHE A 26 0.44 7.14 4.58
CA PHE A 26 -0.93 7.11 5.08
C PHE A 26 -1.01 6.36 6.41
N ILE A 27 -0.43 5.16 6.45
CA ILE A 27 -0.44 4.35 7.66
C ILE A 27 0.06 5.16 8.86
N GLY A 28 0.93 6.13 8.60
CA GLY A 28 1.46 6.95 9.66
C GLY A 28 0.37 7.62 10.49
N GLU A 29 -0.81 7.77 9.90
CA GLU A 29 -1.94 8.39 10.58
C GLU A 29 -2.79 7.33 11.27
N GLY A 30 -3.57 6.61 10.49
CA GLY A 30 -4.44 5.58 11.05
C GLY A 30 -5.33 4.94 10.01
N TRP A 31 -4.75 4.61 8.86
CA TRP A 31 -5.50 3.99 7.76
C TRP A 31 -5.90 2.57 8.13
N ALA A 32 -6.59 1.90 7.21
CA ALA A 32 -7.02 0.52 7.43
C ALA A 32 -6.13 -0.46 6.70
N ILE A 33 -6.56 -1.72 6.64
CA ILE A 33 -5.79 -2.75 5.97
C ILE A 33 -6.33 -3.02 4.57
N ASN A 34 -7.50 -2.45 4.27
CA ASN A 34 -8.13 -2.62 2.97
C ASN A 34 -8.10 -1.32 2.18
N LYS A 35 -7.94 -0.21 2.89
CA LYS A 35 -7.90 1.11 2.25
C LYS A 35 -6.73 1.21 1.27
N ILE A 36 -5.52 1.02 1.79
CA ILE A 36 -4.33 1.08 0.96
C ILE A 36 -4.46 0.20 -0.28
N ILE A 37 -5.22 -0.88 -0.15
CA ILE A 37 -5.43 -1.80 -1.26
C ILE A 37 -6.25 -1.14 -2.36
N ASP A 38 -7.46 -0.73 -2.02
CA ASP A 38 -8.35 -0.07 -2.98
C ASP A 38 -7.71 1.20 -3.52
N TRP A 39 -6.82 1.79 -2.74
CA TRP A 39 -6.14 3.02 -3.14
C TRP A 39 -5.22 2.77 -4.33
N ILE A 40 -4.28 1.85 -4.17
CA ILE A 40 -3.34 1.52 -5.22
C ILE A 40 -4.06 0.95 -6.44
N LYS A 41 -5.10 0.17 -6.20
CA LYS A 41 -5.88 -0.43 -7.27
C LYS A 41 -6.52 0.65 -8.15
N LYS A 42 -7.38 1.45 -7.54
CA LYS A 42 -8.07 2.53 -8.26
C LYS A 42 -7.06 3.41 -9.00
N HIS A 43 -5.85 3.51 -8.46
CA HIS A 43 -4.80 4.31 -9.07
C HIS A 43 -4.27 3.66 -10.34
N ILE A 44 -3.60 2.53 -10.17
CA ILE A 44 -3.04 1.80 -11.31
C ILE A 44 -4.12 1.50 -12.35
N FME A 1 3.88 -9.05 11.14
CN FME A 1 4.65 -10.16 10.85
O1 FME A 1 5.53 -10.17 10.03
CA FME A 1 4.33 -7.76 10.58
CB FME A 1 5.63 -7.26 11.25
CG FME A 1 5.43 -6.69 12.68
SD FME A 1 7.06 -6.21 13.36
CE FME A 1 6.78 -4.42 13.44
C FME A 1 4.37 -7.75 9.05
O FME A 1 5.36 -8.13 8.42
HCN FME A 1 4.40 -11.08 11.43
HA FME A 1 3.58 -6.97 10.81
HB2 FME A 1 6.32 -8.13 11.33
HB3 FME A 1 6.13 -6.49 10.62
HG2 FME A 1 4.76 -5.79 12.64
HG3 FME A 1 4.96 -7.45 13.33
HE1 FME A 1 7.67 -3.91 13.86
HE2 FME A 1 5.89 -4.20 14.08
HE3 FME A 1 6.59 -4.03 12.42
N GLY A 2 3.27 -7.29 8.47
CA GLY A 2 3.18 -7.21 7.01
C GLY A 2 2.34 -6.04 6.55
N ALA A 3 2.71 -4.83 6.95
CA ALA A 3 1.97 -3.63 6.58
C ALA A 3 2.13 -3.34 5.09
N ILE A 4 3.35 -3.05 4.67
CA ILE A 4 3.63 -2.75 3.27
C ILE A 4 3.62 -4.02 2.42
N ALA A 5 4.03 -5.13 3.03
CA ALA A 5 4.06 -6.41 2.34
C ALA A 5 2.68 -6.81 1.85
N LYS A 6 1.65 -6.21 2.45
CA LYS A 6 0.27 -6.51 2.08
C LYS A 6 -0.03 -5.99 0.67
N LEU A 7 0.64 -4.92 0.27
CA LEU A 7 0.44 -4.34 -1.05
C LEU A 7 1.30 -5.05 -2.09
N VAL A 8 2.41 -5.64 -1.64
CA VAL A 8 3.30 -6.36 -2.53
C VAL A 8 2.61 -7.53 -3.20
N ALA A 9 2.28 -8.55 -2.41
CA ALA A 9 1.61 -9.73 -2.93
C ALA A 9 0.25 -9.36 -3.55
N LYS A 10 -0.28 -8.22 -3.14
CA LYS A 10 -1.57 -7.76 -3.64
C LYS A 10 -1.41 -7.16 -5.04
N PHE A 11 -0.30 -6.46 -5.27
CA PHE A 11 -0.04 -5.85 -6.56
C PHE A 11 1.31 -6.32 -7.12
N GLY A 12 2.39 -5.80 -6.56
CA GLY A 12 3.72 -6.18 -7.01
C GLY A 12 4.81 -5.43 -6.29
N TRP A 13 5.97 -6.07 -6.15
CA TRP A 13 7.10 -5.45 -5.46
C TRP A 13 7.41 -4.08 -6.05
N PRO A 14 7.68 -4.04 -7.36
CA PRO A 14 8.00 -2.80 -8.07
C PRO A 14 6.78 -1.89 -8.20
N ILE A 15 5.62 -2.38 -7.79
CA ILE A 15 4.39 -1.61 -7.85
C ILE A 15 4.12 -0.88 -6.54
N VAL A 16 4.69 -1.40 -5.46
CA VAL A 16 4.52 -0.79 -4.14
C VAL A 16 5.66 0.16 -3.83
N LYS A 17 6.83 -0.10 -4.40
CA LYS A 17 8.00 0.74 -4.18
C LYS A 17 7.77 2.14 -4.74
N LYS A 18 7.07 2.21 -5.86
CA LYS A 18 6.79 3.50 -6.51
C LYS A 18 5.74 4.28 -5.72
N TYR A 19 4.84 3.56 -5.05
CA TYR A 19 3.78 4.18 -4.27
C TYR A 19 4.11 4.11 -2.77
N TYR A 20 5.39 3.95 -2.46
CA TYR A 20 5.83 3.87 -1.08
C TYR A 20 5.71 5.22 -0.38
N LYS A 21 5.77 6.28 -1.16
CA LYS A 21 5.66 7.63 -0.63
C LYS A 21 4.22 7.96 -0.26
N GLN A 22 3.31 7.05 -0.61
CA GLN A 22 1.89 7.25 -0.31
C GLN A 22 1.42 6.25 0.74
N ILE A 23 1.51 4.97 0.42
CA ILE A 23 1.09 3.91 1.34
C ILE A 23 1.71 4.11 2.72
N MET A 24 3.03 3.94 2.80
CA MET A 24 3.74 4.10 4.06
C MET A 24 3.50 5.48 4.66
N GLN A 25 3.20 6.45 3.80
CA GLN A 25 2.94 7.81 4.23
C GLN A 25 1.57 7.93 4.89
N PHE A 26 0.68 7.00 4.55
CA PHE A 26 -0.67 6.99 5.10
C PHE A 26 -0.72 6.22 6.42
N ILE A 27 -0.19 5.00 6.40
CA ILE A 27 -0.17 4.16 7.59
C ILE A 27 0.43 4.91 8.78
N GLY A 28 1.33 5.84 8.50
CA GLY A 28 1.96 6.61 9.56
C GLY A 28 0.94 7.34 10.41
N GLU A 29 -0.25 7.56 9.88
CA GLU A 29 -1.31 8.25 10.60
C GLU A 29 -2.21 7.26 11.33
N GLY A 30 -2.97 6.49 10.57
CA GLY A 30 -3.87 5.51 11.17
C GLY A 30 -4.90 4.99 10.18
N TRP A 31 -4.49 4.84 8.92
CA TRP A 31 -5.38 4.34 7.89
C TRP A 31 -5.98 2.99 8.26
N ALA A 32 -6.81 2.45 7.39
CA ALA A 32 -7.43 1.15 7.63
C ALA A 32 -6.53 0.01 7.17
N ILE A 33 -7.08 -1.20 7.14
CA ILE A 33 -6.33 -2.37 6.72
C ILE A 33 -6.67 -2.77 5.29
N ASN A 34 -7.85 -2.34 4.84
CA ASN A 34 -8.31 -2.65 3.49
C ASN A 34 -8.47 -1.38 2.66
N LYS A 35 -7.77 -0.33 3.07
CA LYS A 35 -7.83 0.95 2.37
C LYS A 35 -6.68 1.07 1.36
N ILE A 36 -5.46 0.89 1.85
CA ILE A 36 -4.28 0.98 0.99
C ILE A 36 -4.44 0.11 -0.25
N ILE A 37 -5.09 -1.04 -0.09
CA ILE A 37 -5.31 -1.95 -1.20
C ILE A 37 -6.23 -1.33 -2.26
N ASP A 38 -7.35 -0.77 -1.80
CA ASP A 38 -8.31 -0.14 -2.70
C ASP A 38 -7.74 1.16 -3.26
N TRP A 39 -6.80 1.76 -2.53
CA TRP A 39 -6.18 3.01 -2.96
C TRP A 39 -5.31 2.80 -4.19
N ILE A 40 -4.43 1.80 -4.12
CA ILE A 40 -3.54 1.49 -5.22
C ILE A 40 -4.31 0.96 -6.43
N LYS A 41 -5.24 0.06 -6.17
CA LYS A 41 -6.06 -0.52 -7.24
C LYS A 41 -6.81 0.56 -8.00
N LYS A 42 -7.11 1.66 -7.31
CA LYS A 42 -7.83 2.78 -7.93
C LYS A 42 -6.87 3.84 -8.41
N HIS A 43 -5.62 3.43 -8.66
CA HIS A 43 -4.60 4.35 -9.14
C HIS A 43 -3.95 3.84 -10.41
N ILE A 44 -3.72 2.52 -10.47
CA ILE A 44 -3.11 1.90 -11.64
C ILE A 44 -4.15 1.57 -12.69
N FME A 1 5.00 -4.92 11.37
CN FME A 1 4.31 -3.93 12.07
O1 FME A 1 3.15 -4.01 12.38
CA FME A 1 4.32 -6.23 11.26
CB FME A 1 4.14 -6.92 12.63
CG FME A 1 5.36 -7.75 13.10
SD FME A 1 6.78 -6.62 13.32
CE FME A 1 7.67 -7.60 14.57
C FME A 1 3.06 -6.17 10.40
O FME A 1 1.98 -5.80 10.85
HCN FME A 1 4.91 -3.02 12.31
HA FME A 1 4.98 -6.93 10.68
HB2 FME A 1 3.95 -6.12 13.38
HB3 FME A 1 3.24 -7.58 12.61
HG2 FME A 1 5.12 -8.27 14.05
HG3 FME A 1 5.60 -8.52 12.33
HE1 FME A 1 7.40 -8.68 14.48
HE2 FME A 1 7.41 -7.25 15.60
HE3 FME A 1 8.76 -7.48 14.41
N GLY A 2 3.21 -6.57 9.14
CA GLY A 2 2.08 -6.58 8.22
C GLY A 2 1.60 -5.19 7.87
N ALA A 3 2.37 -4.48 7.05
CA ALA A 3 2.02 -3.13 6.65
C ALA A 3 2.22 -2.95 5.13
N ILE A 4 3.47 -2.83 4.72
CA ILE A 4 3.79 -2.65 3.30
C ILE A 4 3.82 -3.98 2.58
N ALA A 5 4.26 -5.03 3.27
CA ALA A 5 4.33 -6.36 2.69
C ALA A 5 2.96 -6.82 2.21
N LYS A 6 1.92 -6.23 2.77
CA LYS A 6 0.55 -6.57 2.40
C LYS A 6 0.25 -6.16 0.97
N LEU A 7 0.91 -5.11 0.52
CA LEU A 7 0.71 -4.61 -0.85
C LEU A 7 1.57 -5.37 -1.84
N VAL A 8 2.70 -5.89 -1.36
CA VAL A 8 3.61 -6.65 -2.19
C VAL A 8 2.96 -7.94 -2.70
N ALA A 9 2.74 -8.88 -1.78
CA ALA A 9 2.12 -10.16 -2.13
C ALA A 9 0.82 -9.94 -2.90
N LYS A 10 0.16 -8.83 -2.61
CA LYS A 10 -1.11 -8.50 -3.27
C LYS A 10 -0.87 -8.03 -4.70
N PHE A 11 -0.38 -6.80 -4.83
CA PHE A 11 -0.11 -6.21 -6.14
C PHE A 11 1.20 -6.76 -6.71
N GLY A 12 2.32 -6.28 -6.18
CA GLY A 12 3.61 -6.73 -6.65
C GLY A 12 4.76 -5.91 -6.09
N TRP A 13 5.91 -6.53 -5.94
CA TRP A 13 7.09 -5.84 -5.41
C TRP A 13 7.34 -4.53 -6.16
N PRO A 14 7.54 -4.64 -7.48
CA PRO A 14 7.78 -3.48 -8.34
C PRO A 14 6.55 -2.59 -8.49
N ILE A 15 5.43 -3.05 -7.96
CA ILE A 15 4.18 -2.29 -8.02
C ILE A 15 3.98 -1.45 -6.77
N VAL A 16 4.62 -1.86 -5.68
CA VAL A 16 4.51 -1.14 -4.42
C VAL A 16 5.66 -0.14 -4.25
N LYS A 17 6.79 -0.44 -4.88
CA LYS A 17 7.96 0.43 -4.81
C LYS A 17 7.64 1.81 -5.36
N LYS A 18 6.74 1.86 -6.35
CA LYS A 18 6.36 3.11 -6.98
C LYS A 18 5.44 3.92 -6.05
N TYR A 19 4.50 3.22 -5.42
CA TYR A 19 3.57 3.87 -4.51
C TYR A 19 4.00 3.69 -3.06
N TYR A 20 5.30 3.54 -2.85
CA TYR A 20 5.85 3.35 -1.51
C TYR A 20 5.98 4.69 -0.79
N LYS A 21 5.62 5.76 -1.48
CA LYS A 21 5.70 7.09 -0.90
C LYS A 21 4.34 7.55 -0.38
N GLN A 22 3.29 6.80 -0.74
CA GLN A 22 1.94 7.13 -0.30
C GLN A 22 1.43 6.11 0.71
N ILE A 23 1.56 4.83 0.37
CA ILE A 23 1.11 3.76 1.25
C ILE A 23 1.69 3.92 2.66
N MET A 24 2.99 3.72 2.77
CA MET A 24 3.67 3.86 4.06
C MET A 24 3.44 5.24 4.66
N GLN A 25 3.16 6.21 3.80
CA GLN A 25 2.92 7.58 4.23
C GLN A 25 1.53 7.71 4.86
N PHE A 26 0.63 6.81 4.49
CA PHE A 26 -0.73 6.83 5.01
C PHE A 26 -0.83 6.04 6.30
N ILE A 27 -0.31 4.81 6.28
CA ILE A 27 -0.34 3.95 7.45
C ILE A 27 0.22 4.67 8.68
N GLY A 28 1.14 5.60 8.45
CA GLY A 28 1.73 6.35 9.54
C GLY A 28 0.70 7.05 10.39
N GLU A 29 -0.48 7.28 9.81
CA GLU A 29 -1.56 7.97 10.51
C GLU A 29 -2.47 6.98 11.21
N GLY A 30 -3.30 6.30 10.41
CA GLY A 30 -4.22 5.32 10.97
C GLY A 30 -5.14 4.73 9.92
N TRP A 31 -4.60 4.43 8.74
CA TRP A 31 -5.38 3.87 7.65
C TRP A 31 -5.83 2.46 7.98
N ALA A 32 -6.56 1.83 7.06
CA ALA A 32 -7.04 0.48 7.25
C ALA A 32 -6.19 -0.53 6.47
N ILE A 33 -6.67 -1.77 6.40
CA ILE A 33 -5.96 -2.82 5.68
C ILE A 33 -6.49 -2.98 4.27
N ASN A 34 -7.72 -2.53 4.04
CA ASN A 34 -8.34 -2.62 2.72
C ASN A 34 -8.25 -1.29 1.99
N LYS A 35 -8.04 -0.22 2.74
CA LYS A 35 -7.92 1.12 2.16
C LYS A 35 -6.80 1.18 1.13
N ILE A 36 -5.57 0.95 1.60
CA ILE A 36 -4.40 0.97 0.72
C ILE A 36 -4.62 0.08 -0.49
N ILE A 37 -5.32 -1.03 -0.29
CA ILE A 37 -5.61 -1.96 -1.38
C ILE A 37 -6.41 -1.28 -2.49
N ASP A 38 -7.58 -0.77 -2.13
CA ASP A 38 -8.44 -0.09 -3.09
C ASP A 38 -7.78 1.17 -3.63
N TRP A 39 -6.87 1.74 -2.85
CA TRP A 39 -6.18 2.95 -3.23
C TRP A 39 -5.25 2.68 -4.42
N ILE A 40 -4.36 1.73 -4.27
CA ILE A 40 -3.42 1.37 -5.33
C ILE A 40 -4.15 0.84 -6.56
N LYS A 41 -5.14 -0.01 -6.32
CA LYS A 41 -5.93 -0.59 -7.40
C LYS A 41 -6.59 0.50 -8.24
N LYS A 42 -7.05 1.55 -7.59
CA LYS A 42 -7.70 2.66 -8.27
C LYS A 42 -6.69 3.45 -9.10
N HIS A 43 -5.55 3.76 -8.50
CA HIS A 43 -4.50 4.50 -9.19
C HIS A 43 -4.07 3.79 -10.46
N ILE A 44 -3.56 2.57 -10.31
CA ILE A 44 -3.11 1.78 -11.45
C ILE A 44 -4.19 1.69 -12.52
N FME A 1 4.77 -6.63 12.17
CN FME A 1 3.58 -6.83 12.84
O1 FME A 1 2.75 -7.66 12.52
CA FME A 1 5.15 -7.67 11.18
CB FME A 1 5.32 -9.06 11.83
CG FME A 1 6.46 -9.17 12.86
SD FME A 1 6.53 -10.87 13.50
CE FME A 1 7.60 -10.55 14.93
C FME A 1 4.29 -7.64 9.92
O FME A 1 3.14 -8.07 9.92
HCN FME A 1 3.39 -6.16 13.70
HA FME A 1 6.18 -7.44 10.77
HB2 FME A 1 4.35 -9.30 12.34
HB3 FME A 1 5.48 -9.83 11.04
HG2 FME A 1 7.43 -8.89 12.39
HG3 FME A 1 6.28 -8.44 13.69
HE1 FME A 1 8.29 -9.69 14.72
HE2 FME A 1 8.21 -11.46 15.16
HE3 FME A 1 6.98 -10.31 15.81
N GLY A 2 4.87 -7.15 8.83
CA GLY A 2 4.16 -7.08 7.57
C GLY A 2 3.33 -5.82 7.43
N ALA A 3 4.00 -4.70 7.18
CA ALA A 3 3.32 -3.43 7.02
C ALA A 3 3.09 -3.11 5.54
N ILE A 4 4.18 -3.03 4.79
CA ILE A 4 4.09 -2.73 3.36
C ILE A 4 3.97 -4.01 2.54
N ALA A 5 4.48 -5.11 3.09
CA ALA A 5 4.41 -6.40 2.40
C ALA A 5 2.99 -6.72 1.97
N LYS A 6 2.02 -6.21 2.70
CA LYS A 6 0.61 -6.43 2.39
C LYS A 6 0.30 -6.03 0.95
N LEU A 7 0.86 -4.90 0.53
CA LEU A 7 0.64 -4.39 -0.82
C LEU A 7 1.49 -5.17 -1.84
N VAL A 8 2.63 -5.68 -1.37
CA VAL A 8 3.52 -6.45 -2.24
C VAL A 8 2.82 -7.70 -2.78
N ALA A 9 2.35 -8.55 -1.88
CA ALA A 9 1.67 -9.77 -2.27
C ALA A 9 0.33 -9.47 -2.92
N LYS A 10 -0.23 -8.30 -2.61
CA LYS A 10 -1.51 -7.89 -3.17
C LYS A 10 -1.36 -7.43 -4.61
N PHE A 11 -0.26 -6.73 -4.90
CA PHE A 11 0.01 -6.24 -6.23
C PHE A 11 1.35 -6.77 -6.75
N GLY A 12 2.44 -6.21 -6.24
CA GLY A 12 3.75 -6.65 -6.66
C GLY A 12 4.86 -5.79 -6.06
N TRP A 13 6.03 -6.39 -5.89
CA TRP A 13 7.18 -5.68 -5.33
C TRP A 13 7.42 -4.37 -6.06
N PRO A 14 7.64 -4.46 -7.37
CA PRO A 14 7.90 -3.28 -8.22
C PRO A 14 6.64 -2.42 -8.39
N ILE A 15 5.53 -2.91 -7.89
CA ILE A 15 4.26 -2.18 -7.98
C ILE A 15 4.02 -1.33 -6.74
N VAL A 16 4.64 -1.73 -5.63
CA VAL A 16 4.49 -1.01 -4.37
C VAL A 16 5.61 0.01 -4.19
N LYS A 17 6.77 -0.27 -4.79
CA LYS A 17 7.92 0.62 -4.69
C LYS A 17 7.60 1.99 -5.28
N LYS A 18 6.69 2.02 -6.26
CA LYS A 18 6.30 3.25 -6.90
C LYS A 18 5.34 4.04 -6.00
N TYR A 19 4.40 3.35 -5.39
CA TYR A 19 3.42 4.00 -4.51
C TYR A 19 3.83 3.84 -3.05
N TYR A 20 5.13 3.70 -2.82
CA TYR A 20 5.66 3.54 -1.46
C TYR A 20 5.76 4.90 -0.76
N LYS A 21 5.41 5.96 -1.48
CA LYS A 21 5.47 7.31 -0.93
C LYS A 21 4.09 7.75 -0.45
N GLN A 22 3.07 6.95 -0.74
CA GLN A 22 1.71 7.26 -0.34
C GLN A 22 1.20 6.24 0.67
N ILE A 23 1.33 4.96 0.33
CA ILE A 23 0.88 3.89 1.22
C ILE A 23 1.45 4.07 2.63
N MET A 24 2.76 3.89 2.77
CA MET A 24 3.42 4.03 4.06
C MET A 24 3.16 5.42 4.65
N GLN A 25 2.87 6.38 3.78
CA GLN A 25 2.61 7.75 4.22
C GLN A 25 1.20 7.86 4.82
N PHE A 26 0.32 6.94 4.44
CA PHE A 26 -1.05 6.94 4.94
C PHE A 26 -1.15 6.17 6.25
N ILE A 27 -0.60 4.95 6.25
CA ILE A 27 -0.63 4.11 7.44
C ILE A 27 -0.11 4.86 8.66
N GLY A 28 0.78 5.81 8.43
CA GLY A 28 1.34 6.58 9.52
C GLY A 28 0.28 7.31 10.33
N GLU A 29 -0.89 7.49 9.72
CA GLU A 29 -2.00 8.17 10.39
C GLU A 29 -2.92 7.16 11.08
N GLY A 30 -3.64 6.38 10.27
CA GLY A 30 -4.56 5.40 10.82
C GLY A 30 -5.54 4.88 9.78
N TRP A 31 -5.07 4.74 8.55
CA TRP A 31 -5.92 4.25 7.46
C TRP A 31 -6.51 2.88 7.82
N ALA A 32 -7.31 2.34 6.89
CA ALA A 32 -7.93 1.04 7.10
C ALA A 32 -7.02 -0.09 6.64
N ILE A 33 -7.56 -1.29 6.57
CA ILE A 33 -6.79 -2.46 6.15
C ILE A 33 -7.09 -2.82 4.69
N ASN A 34 -8.25 -2.37 4.21
CA ASN A 34 -8.65 -2.64 2.83
C ASN A 34 -8.77 -1.35 2.03
N LYS A 35 -8.07 -0.31 2.50
CA LYS A 35 -8.09 0.98 1.83
C LYS A 35 -6.90 1.12 0.88
N ILE A 36 -5.70 0.94 1.41
CA ILE A 36 -4.48 1.05 0.62
C ILE A 36 -4.58 0.20 -0.66
N ILE A 37 -5.24 -0.95 -0.53
CA ILE A 37 -5.41 -1.85 -1.67
C ILE A 37 -6.26 -1.20 -2.76
N ASP A 38 -7.47 -0.78 -2.38
CA ASP A 38 -8.38 -0.14 -3.32
C ASP A 38 -7.82 1.18 -3.82
N TRP A 39 -6.91 1.75 -3.04
CA TRP A 39 -6.29 3.02 -3.40
C TRP A 39 -5.32 2.86 -4.56
N ILE A 40 -4.38 1.92 -4.40
CA ILE A 40 -3.39 1.66 -5.44
C ILE A 40 -4.06 1.26 -6.75
N LYS A 41 -4.83 0.18 -6.71
CA LYS A 41 -5.54 -0.30 -7.90
C LYS A 41 -6.33 0.82 -8.55
N LYS A 42 -6.87 1.71 -7.73
CA LYS A 42 -7.66 2.83 -8.23
C LYS A 42 -6.79 3.79 -9.03
N HIS A 43 -5.54 3.95 -8.61
CA HIS A 43 -4.61 4.83 -9.29
C HIS A 43 -4.15 4.23 -10.61
N ILE A 44 -3.49 3.08 -10.54
CA ILE A 44 -3.00 2.39 -11.73
C ILE A 44 -4.12 2.21 -12.75
N FME A 1 7.18 -6.51 11.59
CN FME A 1 6.03 -6.66 12.37
O1 FME A 1 4.95 -6.22 12.06
CA FME A 1 6.99 -5.99 10.22
CB FME A 1 8.31 -5.54 9.58
CG FME A 1 8.18 -4.96 8.15
SD FME A 1 7.78 -3.18 8.28
CE FME A 1 9.30 -2.53 7.53
C FME A 1 6.13 -6.91 9.34
O FME A 1 6.43 -8.09 9.15
HCN FME A 1 6.18 -7.23 13.31
HA FME A 1 6.37 -5.06 10.26
HB2 FME A 1 8.75 -4.75 10.24
HB3 FME A 1 9.03 -6.39 9.56
HG2 FME A 1 9.12 -5.09 7.58
HG3 FME A 1 7.36 -5.49 7.60
HE1 FME A 1 9.20 -1.43 7.37
HE2 FME A 1 9.50 -3.03 6.56
HE3 FME A 1 10.15 -2.73 8.22
N GLY A 2 5.06 -6.34 8.80
CA GLY A 2 4.18 -7.10 7.92
C GLY A 2 2.93 -6.32 7.55
N ALA A 3 3.09 -5.02 7.31
CA ALA A 3 1.97 -4.18 6.94
C ALA A 3 2.02 -3.80 5.47
N ILE A 4 3.22 -3.50 4.98
CA ILE A 4 3.42 -3.13 3.59
C ILE A 4 3.30 -4.34 2.67
N ALA A 5 3.61 -5.52 3.21
CA ALA A 5 3.53 -6.75 2.44
C ALA A 5 2.13 -6.98 1.91
N LYS A 6 1.15 -6.35 2.55
CA LYS A 6 -0.24 -6.49 2.15
C LYS A 6 -0.44 -6.04 0.70
N LEU A 7 0.30 -5.01 0.30
CA LEU A 7 0.22 -4.49 -1.06
C LEU A 7 1.12 -5.28 -2.00
N VAL A 8 2.12 -5.95 -1.45
CA VAL A 8 3.04 -6.75 -2.24
C VAL A 8 2.35 -7.97 -2.84
N ALA A 9 1.99 -8.92 -1.97
CA ALA A 9 1.31 -10.13 -2.41
C ALA A 9 0.10 -9.80 -3.26
N LYS A 10 -0.52 -8.65 -2.99
CA LYS A 10 -1.69 -8.22 -3.74
C LYS A 10 -1.30 -7.69 -5.12
N PHE A 11 -0.58 -6.58 -5.14
CA PHE A 11 -0.14 -5.98 -6.39
C PHE A 11 1.18 -6.58 -6.85
N GLY A 12 2.27 -6.18 -6.20
CA GLY A 12 3.58 -6.68 -6.55
C GLY A 12 4.70 -5.93 -5.86
N TRP A 13 5.83 -6.60 -5.65
CA TRP A 13 6.97 -5.99 -4.99
C TRP A 13 7.35 -4.69 -5.68
N PRO A 14 7.66 -4.76 -6.99
CA PRO A 14 8.04 -3.59 -7.78
C PRO A 14 6.88 -2.63 -8.00
N ILE A 15 5.68 -3.05 -7.59
CA ILE A 15 4.49 -2.23 -7.74
C ILE A 15 4.22 -1.41 -6.48
N VAL A 16 4.73 -1.89 -5.35
CA VAL A 16 4.55 -1.21 -4.08
C VAL A 16 5.71 -0.27 -3.78
N LYS A 17 6.87 -0.58 -4.34
CA LYS A 17 8.07 0.23 -4.14
C LYS A 17 7.85 1.63 -4.69
N LYS A 18 6.94 1.76 -5.64
CA LYS A 18 6.64 3.05 -6.25
C LYS A 18 5.70 3.87 -5.38
N TYR A 19 4.62 3.23 -4.91
CA TYR A 19 3.65 3.90 -4.06
C TYR A 19 3.93 3.62 -2.59
N TYR A 20 5.18 3.31 -2.27
CA TYR A 20 5.58 3.02 -0.90
C TYR A 20 5.43 4.25 -0.01
N LYS A 21 5.99 5.36 -0.46
CA LYS A 21 5.93 6.62 0.28
C LYS A 21 4.49 6.93 0.68
N GLN A 22 3.60 6.93 -0.30
CA GLN A 22 2.19 7.22 -0.05
C GLN A 22 1.61 6.26 0.99
N ILE A 23 1.67 4.96 0.69
CA ILE A 23 1.16 3.95 1.59
C ILE A 23 1.71 4.13 3.00
N MET A 24 3.03 4.08 3.13
CA MET A 24 3.68 4.26 4.43
C MET A 24 3.28 5.59 5.06
N GLN A 25 2.97 6.57 4.22
CA GLN A 25 2.58 7.89 4.71
C GLN A 25 1.15 7.87 5.23
N PHE A 26 0.38 6.87 4.80
CA PHE A 26 -1.01 6.74 5.22
C PHE A 26 -1.12 5.88 6.48
N ILE A 27 -0.46 4.73 6.46
CA ILE A 27 -0.48 3.82 7.60
C ILE A 27 0.00 4.51 8.87
N GLY A 28 0.79 5.56 8.70
CA GLY A 28 1.31 6.30 9.83
C GLY A 28 0.36 7.37 10.32
N GLU A 29 -0.86 7.36 9.78
CA GLU A 29 -1.87 8.34 10.17
C GLU A 29 -3.05 7.67 10.86
N GLY A 30 -3.77 6.83 10.12
CA GLY A 30 -4.91 6.13 10.68
C GLY A 30 -5.82 5.56 9.61
N TRP A 31 -5.24 4.87 8.63
CA TRP A 31 -6.02 4.28 7.56
C TRP A 31 -6.54 2.91 7.94
N ALA A 32 -7.22 2.25 7.01
CA ALA A 32 -7.77 0.92 7.26
C ALA A 32 -6.84 -0.16 6.74
N ILE A 33 -7.33 -1.39 6.70
CA ILE A 33 -6.54 -2.53 6.23
C ILE A 33 -6.90 -2.88 4.79
N ASN A 34 -8.04 -2.36 4.32
CA ASN A 34 -8.49 -2.62 2.96
C ASN A 34 -8.60 -1.33 2.16
N LYS A 35 -7.91 -0.30 2.63
CA LYS A 35 -7.92 0.99 1.95
C LYS A 35 -6.73 1.14 1.02
N ILE A 36 -5.53 0.98 1.57
CA ILE A 36 -4.31 1.08 0.78
C ILE A 36 -4.40 0.25 -0.49
N ILE A 37 -5.11 -0.87 -0.41
CA ILE A 37 -5.28 -1.74 -1.56
C ILE A 37 -6.13 -1.08 -2.64
N ASP A 38 -7.27 -0.54 -2.23
CA ASP A 38 -8.17 0.13 -3.18
C ASP A 38 -7.56 1.45 -3.66
N TRP A 39 -6.68 2.02 -2.85
CA TRP A 39 -6.03 3.28 -3.20
C TRP A 39 -5.06 3.08 -4.36
N ILE A 40 -4.30 2.00 -4.30
CA ILE A 40 -3.32 1.70 -5.35
C ILE A 40 -4.02 1.22 -6.62
N LYS A 41 -5.03 0.37 -6.46
CA LYS A 41 -5.77 -0.17 -7.59
C LYS A 41 -6.36 0.96 -8.42
N LYS A 42 -6.99 1.93 -7.76
CA LYS A 42 -7.60 3.06 -8.45
C LYS A 42 -6.54 3.88 -9.18
N HIS A 43 -5.42 4.14 -8.50
CA HIS A 43 -4.33 4.91 -9.08
C HIS A 43 -3.84 4.27 -10.38
N ILE A 44 -3.28 3.07 -10.27
CA ILE A 44 -2.78 2.35 -11.42
C ILE A 44 -3.83 2.26 -12.51
N FME A 1 9.27 -4.96 6.45
CN FME A 1 8.69 -3.73 6.72
O1 FME A 1 7.52 -3.48 6.56
CA FME A 1 8.33 -6.08 6.19
CB FME A 1 9.06 -7.33 5.65
CG FME A 1 8.25 -8.63 5.74
SD FME A 1 8.58 -9.43 7.34
CE FME A 1 7.44 -10.85 7.15
C FME A 1 7.38 -6.34 7.35
O FME A 1 7.78 -6.62 8.47
HCN FME A 1 9.38 -2.94 7.09
HA FME A 1 7.64 -5.80 5.35
HB2 FME A 1 9.31 -7.14 4.58
HB3 FME A 1 10.03 -7.47 6.19
HG2 FME A 1 7.16 -8.42 5.62
HG3 FME A 1 8.55 -9.32 4.91
HE1 FME A 1 6.78 -10.92 8.05
HE2 FME A 1 8.02 -11.78 7.03
HE3 FME A 1 6.81 -10.69 6.26
N GLY A 2 6.08 -6.27 7.05
CA GLY A 2 5.07 -6.53 8.04
C GLY A 2 3.77 -5.79 7.76
N ALA A 3 3.87 -4.49 7.50
CA ALA A 3 2.70 -3.67 7.21
C ALA A 3 2.61 -3.37 5.71
N ILE A 4 3.75 -3.18 5.08
CA ILE A 4 3.80 -2.88 3.65
C ILE A 4 3.65 -4.14 2.82
N ALA A 5 4.07 -5.27 3.38
CA ALA A 5 3.98 -6.54 2.68
C ALA A 5 2.54 -6.83 2.24
N LYS A 6 1.59 -6.24 2.96
CA LYS A 6 0.18 -6.43 2.63
C LYS A 6 -0.10 -6.05 1.18
N LEU A 7 0.61 -5.04 0.69
CA LEU A 7 0.44 -4.58 -0.69
C LEU A 7 1.33 -5.37 -1.64
N VAL A 8 2.43 -5.91 -1.11
CA VAL A 8 3.36 -6.68 -1.91
C VAL A 8 2.70 -7.96 -2.44
N ALA A 9 2.44 -8.90 -1.53
CA ALA A 9 1.81 -10.16 -1.92
C ALA A 9 0.54 -9.92 -2.71
N LYS A 10 -0.12 -8.80 -2.45
CA LYS A 10 -1.36 -8.45 -3.14
C LYS A 10 -1.07 -7.99 -4.56
N PHE A 11 -0.50 -6.79 -4.69
CA PHE A 11 -0.18 -6.24 -6.00
C PHE A 11 1.15 -6.80 -6.51
N GLY A 12 2.25 -6.33 -5.94
CA GLY A 12 3.56 -6.80 -6.36
C GLY A 12 4.68 -5.99 -5.74
N TRP A 13 5.83 -6.63 -5.54
CA TRP A 13 6.99 -5.96 -4.95
C TRP A 13 7.30 -4.67 -5.69
N PRO A 14 7.55 -4.78 -7.00
CA PRO A 14 7.87 -3.63 -7.86
C PRO A 14 6.67 -2.71 -8.07
N ILE A 15 5.50 -3.15 -7.58
CA ILE A 15 4.29 -2.38 -7.72
C ILE A 15 4.03 -1.52 -6.48
N VAL A 16 4.61 -1.94 -5.36
CA VAL A 16 4.46 -1.21 -4.10
C VAL A 16 5.61 -0.24 -3.89
N LYS A 17 6.76 -0.56 -4.45
CA LYS A 17 7.95 0.29 -4.32
C LYS A 17 7.69 1.67 -4.92
N LYS A 18 6.83 1.72 -5.94
CA LYS A 18 6.50 2.98 -6.60
C LYS A 18 5.54 3.80 -5.75
N TYR A 19 4.60 3.13 -5.10
CA TYR A 19 3.63 3.80 -4.25
C TYR A 19 3.97 3.62 -2.78
N TYR A 20 5.25 3.45 -2.50
CA TYR A 20 5.72 3.27 -1.12
C TYR A 20 5.88 4.61 -0.42
N LYS A 21 5.60 5.69 -1.14
CA LYS A 21 5.71 7.03 -0.59
C LYS A 21 4.34 7.54 -0.13
N GLN A 22 3.31 6.77 -0.42
CA GLN A 22 1.95 7.15 -0.04
C GLN A 22 1.36 6.16 0.95
N ILE A 23 1.52 4.87 0.66
CA ILE A 23 0.99 3.82 1.54
C ILE A 23 1.48 4.03 2.97
N MET A 24 2.77 3.87 3.19
CA MET A 24 3.36 4.04 4.52
C MET A 24 3.05 5.43 5.07
N GLN A 25 2.83 6.38 4.17
CA GLN A 25 2.53 7.75 4.57
C GLN A 25 1.11 7.86 5.11
N PHE A 26 0.28 6.88 4.78
CA PHE A 26 -1.11 6.87 5.22
C PHE A 26 -1.26 6.05 6.50
N ILE A 27 -0.76 4.82 6.47
CA ILE A 27 -0.83 3.94 7.62
C ILE A 27 -0.32 4.62 8.89
N GLY A 28 0.62 5.55 8.70
CA GLY A 28 1.17 6.27 9.84
C GLY A 28 0.11 6.97 10.66
N GLU A 29 -1.04 7.23 10.03
CA GLU A 29 -2.14 7.90 10.72
C GLU A 29 -3.10 6.90 11.34
N GLY A 30 -3.90 6.26 10.49
CA GLY A 30 -4.86 5.27 10.98
C GLY A 30 -5.77 4.77 9.88
N TRP A 31 -5.21 4.52 8.71
CA TRP A 31 -5.99 4.03 7.57
C TRP A 31 -6.56 2.65 7.86
N ALA A 32 -7.33 2.12 6.91
CA ALA A 32 -7.93 0.80 7.06
C ALA A 32 -7.03 -0.28 6.47
N ILE A 33 -7.55 -1.50 6.39
CA ILE A 33 -6.78 -2.62 5.85
C ILE A 33 -7.23 -2.95 4.42
N ASN A 34 -8.18 -2.18 3.92
CA ASN A 34 -8.70 -2.38 2.58
C ASN A 34 -8.69 -1.08 1.78
N LYS A 35 -8.13 -0.03 2.38
CA LYS A 35 -8.05 1.27 1.73
C LYS A 35 -6.81 1.37 0.85
N ILE A 36 -5.65 1.13 1.45
CA ILE A 36 -4.39 1.19 0.72
C ILE A 36 -4.46 0.37 -0.57
N ILE A 37 -5.17 -0.75 -0.52
CA ILE A 37 -5.32 -1.62 -1.68
C ILE A 37 -6.11 -0.91 -2.79
N ASP A 38 -7.37 -0.60 -2.49
CA ASP A 38 -8.23 0.07 -3.46
C ASP A 38 -7.62 1.40 -3.91
N TRP A 39 -6.77 1.96 -3.06
CA TRP A 39 -6.11 3.23 -3.37
C TRP A 39 -5.13 3.07 -4.52
N ILE A 40 -4.13 2.22 -4.34
CA ILE A 40 -3.13 1.98 -5.37
C ILE A 40 -3.78 1.63 -6.70
N LYS A 41 -4.82 0.80 -6.64
CA LYS A 41 -5.54 0.38 -7.84
C LYS A 41 -6.16 1.59 -8.55
N LYS A 42 -6.74 2.48 -7.76
CA LYS A 42 -7.37 3.68 -8.30
C LYS A 42 -6.36 4.55 -9.04
N HIS A 43 -5.10 4.42 -8.65
CA HIS A 43 -4.02 5.20 -9.28
C HIS A 43 -3.60 4.56 -10.59
N ILE A 44 -3.09 3.33 -10.52
CA ILE A 44 -2.64 2.62 -11.71
C ILE A 44 -3.73 2.59 -12.77
N FME A 1 4.50 -6.89 12.06
CN FME A 1 4.38 -5.61 12.59
O1 FME A 1 4.72 -4.61 12.00
CA FME A 1 4.82 -6.99 10.62
CB FME A 1 5.81 -8.15 10.33
CG FME A 1 5.16 -9.53 10.22
SD FME A 1 6.47 -10.77 9.94
CE FME A 1 5.41 -12.15 9.41
C FME A 1 3.59 -6.97 9.73
O FME A 1 2.51 -7.41 10.10
HCN FME A 1 3.95 -5.55 13.60
HA FME A 1 5.38 -6.07 10.30
HB2 FME A 1 6.32 -7.91 9.36
HB3 FME A 1 6.60 -8.18 11.12
HG2 FME A 1 4.58 -9.78 11.14
HG3 FME A 1 4.44 -9.54 9.36
HE1 FME A 1 5.65 -13.08 9.98
HE2 FME A 1 5.52 -12.33 8.32
HE3 FME A 1 4.34 -11.89 9.62
N GLY A 2 3.78 -6.45 8.52
CA GLY A 2 2.69 -6.39 7.55
C GLY A 2 2.22 -4.98 7.30
N ALA A 3 3.16 -4.08 7.02
CA ALA A 3 2.83 -2.68 6.77
C ALA A 3 2.77 -2.40 5.27
N ILE A 4 3.85 -2.68 4.57
CA ILE A 4 3.92 -2.47 3.13
C ILE A 4 3.81 -3.78 2.36
N ALA A 5 4.29 -4.86 2.98
CA ALA A 5 4.24 -6.18 2.36
C ALA A 5 2.81 -6.54 1.97
N LYS A 6 1.85 -5.96 2.66
CA LYS A 6 0.43 -6.22 2.39
C LYS A 6 0.08 -5.85 0.96
N LEU A 7 0.73 -4.83 0.43
CA LEU A 7 0.49 -4.38 -0.93
C LEU A 7 1.32 -5.18 -1.93
N VAL A 8 2.44 -5.71 -1.46
CA VAL A 8 3.33 -6.51 -2.31
C VAL A 8 2.61 -7.75 -2.84
N ALA A 9 2.24 -8.64 -1.92
CA ALA A 9 1.55 -9.87 -2.30
C ALA A 9 0.27 -9.56 -3.08
N LYS A 10 -0.27 -8.36 -2.87
CA LYS A 10 -1.49 -7.94 -3.56
C LYS A 10 -1.20 -7.54 -4.99
N PHE A 11 -0.45 -6.46 -5.16
CA PHE A 11 -0.10 -5.96 -6.49
C PHE A 11 1.23 -6.55 -6.95
N GLY A 12 2.33 -6.04 -6.39
CA GLY A 12 3.64 -6.53 -6.75
C GLY A 12 4.75 -5.73 -6.11
N TRP A 13 5.92 -6.35 -5.95
CA TRP A 13 7.07 -5.69 -5.34
C TRP A 13 7.36 -4.36 -6.05
N PRO A 14 7.60 -4.43 -7.36
CA PRO A 14 7.90 -3.24 -8.17
C PRO A 14 6.69 -2.33 -8.34
N ILE A 15 5.53 -2.80 -7.86
CA ILE A 15 4.30 -2.04 -7.96
C ILE A 15 4.05 -1.23 -6.68
N VAL A 16 4.63 -1.68 -5.59
CA VAL A 16 4.48 -1.01 -4.30
C VAL A 16 5.61 -0.02 -4.05
N LYS A 17 6.77 -0.29 -4.66
CA LYS A 17 7.93 0.57 -4.52
C LYS A 17 7.65 1.96 -5.09
N LYS A 18 6.67 2.04 -5.98
CA LYS A 18 6.30 3.30 -6.61
C LYS A 18 5.36 4.11 -5.72
N TYR A 19 4.32 3.46 -5.23
CA TYR A 19 3.35 4.11 -4.36
C TYR A 19 3.68 3.87 -2.89
N TYR A 20 4.95 3.56 -2.62
CA TYR A 20 5.40 3.30 -1.26
C TYR A 20 5.32 4.57 -0.41
N LYS A 21 5.70 5.69 -1.01
CA LYS A 21 5.66 6.97 -0.32
C LYS A 21 4.26 7.28 0.20
N GLN A 22 3.29 7.27 -0.71
CA GLN A 22 1.90 7.55 -0.35
C GLN A 22 1.42 6.59 0.74
N ILE A 23 1.53 5.29 0.47
CA ILE A 23 1.11 4.28 1.42
C ILE A 23 1.70 4.53 2.80
N MET A 24 3.03 4.50 2.89
CA MET A 24 3.72 4.73 4.15
C MET A 24 3.33 6.08 4.73
N GLN A 25 3.00 7.04 3.86
CA GLN A 25 2.61 8.37 4.31
C GLN A 25 1.22 8.36 4.93
N PHE A 26 0.45 7.31 4.63
CA PHE A 26 -0.90 7.17 5.15
C PHE A 26 -0.89 6.40 6.47
N ILE A 27 -0.27 5.21 6.45
CA ILE A 27 -0.19 4.38 7.63
C ILE A 27 0.32 5.16 8.84
N GLY A 28 1.14 6.18 8.57
CA GLY A 28 1.68 6.98 9.64
C GLY A 28 0.60 7.62 10.49
N GLU A 29 -0.60 7.73 9.93
CA GLU A 29 -1.73 8.33 10.65
C GLU A 29 -2.58 7.25 11.32
N GLY A 30 -3.36 6.54 10.51
CA GLY A 30 -4.21 5.49 11.05
C GLY A 30 -5.21 4.98 10.03
N TRP A 31 -4.73 4.66 8.84
CA TRP A 31 -5.59 4.16 7.77
C TRP A 31 -6.13 2.77 8.12
N ALA A 32 -6.92 2.21 7.21
CA ALA A 32 -7.50 0.89 7.41
C ALA A 32 -6.55 -0.21 6.94
N ILE A 33 -7.06 -1.43 6.87
CA ILE A 33 -6.26 -2.57 6.43
C ILE A 33 -6.56 -2.92 4.98
N ASN A 34 -7.73 -2.50 4.50
CA ASN A 34 -8.14 -2.76 3.13
C ASN A 34 -8.26 -1.47 2.33
N LYS A 35 -7.67 -0.40 2.85
CA LYS A 35 -7.72 0.90 2.19
C LYS A 35 -6.55 1.06 1.23
N ILE A 36 -5.33 0.94 1.76
CA ILE A 36 -4.13 1.07 0.94
C ILE A 36 -4.22 0.20 -0.32
N ILE A 37 -4.90 -0.93 -0.20
CA ILE A 37 -5.06 -1.85 -1.33
C ILE A 37 -5.94 -1.22 -2.41
N ASP A 38 -7.17 -0.86 -2.05
CA ASP A 38 -8.09 -0.26 -2.99
C ASP A 38 -7.56 1.07 -3.52
N TRP A 39 -6.80 1.77 -2.67
CA TRP A 39 -6.22 3.05 -3.05
C TRP A 39 -5.29 2.90 -4.25
N ILE A 40 -4.41 1.91 -4.18
CA ILE A 40 -3.46 1.65 -5.27
C ILE A 40 -4.18 1.12 -6.51
N LYS A 41 -5.12 0.21 -6.30
CA LYS A 41 -5.88 -0.37 -7.40
C LYS A 41 -6.57 0.72 -8.22
N LYS A 42 -6.85 1.86 -7.58
CA LYS A 42 -7.49 2.97 -8.25
C LYS A 42 -6.47 3.99 -8.74
N HIS A 43 -5.28 3.51 -9.09
CA HIS A 43 -4.21 4.37 -9.57
C HIS A 43 -3.49 3.73 -10.76
N ILE A 44 -3.11 2.47 -10.61
CA ILE A 44 -2.42 1.75 -11.67
C ILE A 44 -3.37 1.42 -12.82
N FME A 1 8.52 -5.14 5.52
CN FME A 1 7.72 -4.70 4.48
O1 FME A 1 6.75 -5.29 4.07
CA FME A 1 8.00 -6.27 6.32
CB FME A 1 9.10 -7.31 6.64
CG FME A 1 9.51 -8.22 5.47
SD FME A 1 8.29 -9.55 5.30
CE FME A 1 9.43 -10.95 5.37
C FME A 1 7.17 -5.82 7.51
O FME A 1 7.69 -5.35 8.52
HCN FME A 1 8.04 -3.74 4.01
HA FME A 1 7.27 -6.85 5.70
HB2 FME A 1 10.00 -6.74 6.98
HB3 FME A 1 8.77 -7.95 7.50
HG2 FME A 1 9.55 -7.62 4.53
HG3 FME A 1 10.52 -8.65 5.65
HE1 FME A 1 9.80 -11.10 6.42
HE2 FME A 1 10.31 -10.78 4.70
HE3 FME A 1 8.90 -11.88 5.05
N GLY A 2 5.85 -5.99 7.40
CA GLY A 2 4.95 -5.63 8.47
C GLY A 2 3.60 -5.17 7.96
N ALA A 3 3.48 -3.87 7.70
CA ALA A 3 2.23 -3.31 7.20
C ALA A 3 2.28 -3.10 5.70
N ILE A 4 3.48 -2.88 5.17
CA ILE A 4 3.66 -2.67 3.74
C ILE A 4 3.58 -3.98 2.97
N ALA A 5 4.03 -5.06 3.61
CA ALA A 5 4.00 -6.37 2.98
C ALA A 5 2.59 -6.74 2.54
N LYS A 6 1.60 -6.16 3.21
CA LYS A 6 0.20 -6.42 2.89
C LYS A 6 -0.12 -6.00 1.45
N LEU A 7 0.65 -5.05 0.95
CA LEU A 7 0.45 -4.54 -0.41
C LEU A 7 1.31 -5.32 -1.40
N VAL A 8 2.38 -5.93 -0.91
CA VAL A 8 3.28 -6.71 -1.76
C VAL A 8 2.57 -7.94 -2.31
N ALA A 9 2.06 -8.78 -1.42
CA ALA A 9 1.35 -9.98 -1.83
C ALA A 9 0.05 -9.66 -2.56
N LYS A 10 -0.48 -8.47 -2.29
CA LYS A 10 -1.71 -8.02 -2.93
C LYS A 10 -1.45 -7.54 -4.35
N PHE A 11 -0.43 -6.73 -4.51
CA PHE A 11 -0.07 -6.19 -5.82
C PHE A 11 1.26 -6.76 -6.30
N GLY A 12 2.35 -6.29 -5.72
CA GLY A 12 3.67 -6.75 -6.10
C GLY A 12 4.78 -5.94 -5.47
N TRP A 13 5.93 -6.58 -5.25
CA TRP A 13 7.07 -5.91 -4.65
C TRP A 13 7.38 -4.61 -5.38
N PRO A 14 7.65 -4.70 -6.69
CA PRO A 14 7.96 -3.54 -7.53
C PRO A 14 6.75 -2.63 -7.74
N ILE A 15 5.60 -3.08 -7.27
CA ILE A 15 4.36 -2.32 -7.40
C ILE A 15 4.09 -1.48 -6.16
N VAL A 16 4.67 -1.90 -5.03
CA VAL A 16 4.50 -1.19 -3.77
C VAL A 16 5.63 -0.20 -3.54
N LYS A 17 6.80 -0.51 -4.10
CA LYS A 17 7.97 0.36 -3.95
C LYS A 17 7.72 1.73 -4.57
N LYS A 18 6.87 1.76 -5.59
CA LYS A 18 6.54 3.02 -6.26
C LYS A 18 5.59 3.86 -5.42
N TYR A 19 4.55 3.23 -4.90
CA TYR A 19 3.57 3.92 -4.07
C TYR A 19 3.88 3.73 -2.59
N TYR A 20 5.15 3.53 -2.27
CA TYR A 20 5.57 3.34 -0.89
C TYR A 20 5.55 4.65 -0.12
N LYS A 21 5.77 5.75 -0.82
CA LYS A 21 5.76 7.08 -0.20
C LYS A 21 4.35 7.48 0.21
N GLN A 22 3.37 6.71 -0.25
CA GLN A 22 1.97 6.98 0.06
C GLN A 22 1.42 5.95 1.05
N ILE A 23 1.44 4.69 0.64
CA ILE A 23 0.94 3.60 1.49
C ILE A 23 1.54 3.68 2.88
N MET A 24 2.80 4.13 2.96
CA MET A 24 3.48 4.26 4.24
C MET A 24 3.06 5.52 4.96
N GLN A 25 3.10 6.64 4.26
CA GLN A 25 2.72 7.92 4.83
C GLN A 25 1.27 7.91 5.31
N PHE A 26 0.50 6.97 4.79
CA PHE A 26 -0.90 6.83 5.16
C PHE A 26 -1.06 6.02 6.43
N ILE A 27 -0.56 4.79 6.41
CA ILE A 27 -0.64 3.91 7.56
C ILE A 27 -0.12 4.60 8.82
N GLY A 28 0.82 5.53 8.64
CA GLY A 28 1.38 6.24 9.76
C GLY A 28 0.33 6.96 10.59
N GLU A 29 -0.82 7.21 9.97
CA GLU A 29 -1.92 7.90 10.65
C GLU A 29 -2.89 6.89 11.25
N GLY A 30 -3.70 6.28 10.39
CA GLY A 30 -4.67 5.30 10.86
C GLY A 30 -5.59 4.82 9.75
N TRP A 31 -5.01 4.48 8.60
CA TRP A 31 -5.78 4.01 7.47
C TRP A 31 -6.36 2.63 7.74
N ALA A 32 -7.08 2.09 6.77
CA ALA A 32 -7.70 0.77 6.90
C ALA A 32 -6.85 -0.29 6.22
N ILE A 33 -7.41 -1.49 6.09
CA ILE A 33 -6.70 -2.61 5.45
C ILE A 33 -7.13 -2.76 4.00
N ASN A 34 -8.26 -2.16 3.64
CA ASN A 34 -8.77 -2.23 2.28
C ASN A 34 -8.55 -0.91 1.54
N LYS A 35 -8.35 0.16 2.30
CA LYS A 35 -8.12 1.48 1.73
C LYS A 35 -6.89 1.47 0.82
N ILE A 36 -5.73 1.24 1.41
CA ILE A 36 -4.48 1.21 0.66
C ILE A 36 -4.60 0.31 -0.56
N ILE A 37 -5.40 -0.74 -0.44
CA ILE A 37 -5.62 -1.68 -1.54
C ILE A 37 -6.32 -1.01 -2.70
N ASP A 38 -7.58 -0.62 -2.49
CA ASP A 38 -8.37 0.03 -3.53
C ASP A 38 -7.71 1.34 -3.96
N TRP A 39 -6.84 1.87 -3.11
CA TRP A 39 -6.13 3.11 -3.41
C TRP A 39 -5.08 2.90 -4.50
N ILE A 40 -4.23 1.89 -4.30
CA ILE A 40 -3.18 1.59 -5.27
C ILE A 40 -3.78 1.23 -6.63
N LYS A 41 -4.59 0.19 -6.65
CA LYS A 41 -5.22 -0.26 -7.90
C LYS A 41 -5.93 0.90 -8.59
N LYS A 42 -6.40 1.86 -7.80
CA LYS A 42 -7.10 3.02 -8.34
C LYS A 42 -6.15 3.89 -9.16
N HIS A 43 -4.93 4.06 -8.67
CA HIS A 43 -3.92 4.87 -9.36
C HIS A 43 -3.45 4.16 -10.64
N ILE A 44 -2.85 2.99 -10.48
CA ILE A 44 -2.35 2.23 -11.61
C ILE A 44 -3.46 1.97 -12.62
N FME A 1 4.83 -6.77 11.85
CN FME A 1 4.18 -7.89 12.35
O1 FME A 1 4.20 -8.98 11.81
CA FME A 1 5.78 -7.00 10.74
CB FME A 1 7.02 -7.81 11.20
CG FME A 1 8.26 -7.66 10.30
SD FME A 1 9.25 -6.23 10.88
CE FME A 1 10.35 -6.09 9.45
C FME A 1 5.12 -7.51 9.46
O FME A 1 5.34 -8.65 9.03
HCN FME A 1 3.61 -7.73 13.28
HA FME A 1 6.22 -6.02 10.41
HB2 FME A 1 7.29 -7.45 12.22
HB3 FME A 1 6.76 -8.89 11.28
HG2 FME A 1 8.87 -8.58 10.31
HG3 FME A 1 7.94 -7.48 9.24
HE1 FME A 1 9.89 -5.46 8.66
HE2 FME A 1 10.57 -7.10 9.03
HE3 FME A 1 11.31 -5.62 9.77
N GLY A 2 4.31 -6.65 8.86
CA GLY A 2 3.63 -7.00 7.62
C GLY A 2 2.72 -5.91 7.13
N ALA A 3 3.14 -4.66 7.30
CA ALA A 3 2.35 -3.51 6.87
C ALA A 3 2.47 -3.31 5.36
N ILE A 4 3.68 -2.98 4.90
CA ILE A 4 3.92 -2.76 3.49
C ILE A 4 3.88 -4.07 2.71
N ALA A 5 4.33 -5.14 3.35
CA ALA A 5 4.35 -6.46 2.72
C ALA A 5 2.94 -6.87 2.27
N LYS A 6 1.93 -6.27 2.89
CA LYS A 6 0.55 -6.56 2.56
C LYS A 6 0.23 -6.14 1.12
N LEU A 7 0.79 -5.01 0.70
CA LEU A 7 0.56 -4.50 -0.65
C LEU A 7 1.36 -5.30 -1.67
N VAL A 8 2.43 -5.95 -1.20
CA VAL A 8 3.27 -6.75 -2.08
C VAL A 8 2.53 -7.98 -2.59
N ALA A 9 2.13 -8.86 -1.68
CA ALA A 9 1.42 -10.07 -2.05
C ALA A 9 0.11 -9.74 -2.76
N LYS A 10 -0.41 -8.54 -2.49
CA LYS A 10 -1.65 -8.10 -3.11
C LYS A 10 -1.41 -7.61 -4.54
N PHE A 11 -0.46 -6.69 -4.69
CA PHE A 11 -0.14 -6.15 -6.01
C PHE A 11 1.17 -6.75 -6.53
N GLY A 12 2.29 -6.29 -5.97
CA GLY A 12 3.58 -6.79 -6.40
C GLY A 12 4.73 -6.00 -5.80
N TRP A 13 5.87 -6.65 -5.61
CA TRP A 13 7.04 -6.01 -5.05
C TRP A 13 7.35 -4.71 -5.78
N PRO A 14 7.57 -4.81 -7.10
CA PRO A 14 7.89 -3.65 -7.95
C PRO A 14 6.70 -2.72 -8.13
N ILE A 15 5.54 -3.15 -7.63
CA ILE A 15 4.33 -2.36 -7.73
C ILE A 15 4.11 -1.52 -6.48
N VAL A 16 4.70 -1.95 -5.37
CA VAL A 16 4.58 -1.24 -4.11
C VAL A 16 5.74 -0.28 -3.90
N LYS A 17 6.88 -0.59 -4.51
CA LYS A 17 8.07 0.25 -4.40
C LYS A 17 7.81 1.63 -4.98
N LYS A 18 6.91 1.70 -5.94
CA LYS A 18 6.57 2.97 -6.58
C LYS A 18 5.65 3.80 -5.69
N TYR A 19 4.66 3.15 -5.09
CA TYR A 19 3.72 3.83 -4.21
C TYR A 19 4.13 3.67 -2.75
N TYR A 20 5.41 3.48 -2.52
CA TYR A 20 5.94 3.31 -1.17
C TYR A 20 6.10 4.66 -0.47
N LYS A 21 5.77 5.73 -1.19
CA LYS A 21 5.88 7.07 -0.64
C LYS A 21 4.52 7.57 -0.14
N GLN A 22 3.47 6.82 -0.46
CA GLN A 22 2.11 7.18 -0.05
C GLN A 22 1.57 6.18 0.98
N ILE A 23 1.66 4.90 0.63
CA ILE A 23 1.18 3.85 1.53
C ILE A 23 1.76 4.01 2.93
N MET A 24 3.07 3.79 3.06
CA MET A 24 3.74 3.91 4.35
C MET A 24 3.52 5.29 4.94
N GLN A 25 3.27 6.28 4.08
CA GLN A 25 3.05 7.65 4.53
C GLN A 25 1.66 7.80 5.13
N PHE A 26 0.75 6.92 4.74
CA PHE A 26 -0.62 6.96 5.26
C PHE A 26 -0.73 6.17 6.56
N ILE A 27 -0.24 4.94 6.55
CA ILE A 27 -0.29 4.09 7.74
C ILE A 27 0.27 4.81 8.96
N GLY A 28 1.22 5.72 8.72
CA GLY A 28 1.83 6.46 9.80
C GLY A 28 0.80 7.22 10.63
N GLU A 29 -0.36 7.47 10.04
CA GLU A 29 -1.43 8.19 10.73
C GLU A 29 -2.40 7.22 11.39
N GLY A 30 -3.24 6.58 10.59
CA GLY A 30 -4.20 5.64 11.12
C GLY A 30 -5.22 5.20 10.08
N TRP A 31 -4.73 4.85 8.89
CA TRP A 31 -5.60 4.42 7.80
C TRP A 31 -6.27 3.09 8.14
N ALA A 32 -7.08 2.59 7.21
CA ALA A 32 -7.77 1.32 7.41
C ALA A 32 -6.92 0.15 6.95
N ILE A 33 -7.52 -1.03 6.88
CA ILE A 33 -6.81 -2.23 6.45
C ILE A 33 -7.14 -2.58 5.00
N ASN A 34 -8.26 -2.07 4.52
CA ASN A 34 -8.69 -2.32 3.15
C ASN A 34 -8.70 -1.04 2.33
N LYS A 35 -7.99 -0.03 2.82
CA LYS A 35 -7.91 1.25 2.14
C LYS A 35 -6.73 1.30 1.18
N ILE A 36 -5.53 1.08 1.71
CA ILE A 36 -4.32 1.09 0.90
C ILE A 36 -4.47 0.19 -0.32
N ILE A 37 -5.24 -0.88 -0.17
CA ILE A 37 -5.47 -1.81 -1.26
C ILE A 37 -6.23 -1.15 -2.40
N ASP A 38 -7.43 -0.66 -2.11
CA ASP A 38 -8.25 0.00 -3.11
C ASP A 38 -7.58 1.28 -3.60
N TRP A 39 -6.74 1.87 -2.76
CA TRP A 39 -6.04 3.09 -3.11
C TRP A 39 -5.07 2.86 -4.27
N ILE A 40 -4.20 1.88 -4.11
CA ILE A 40 -3.23 1.55 -5.15
C ILE A 40 -3.91 1.04 -6.41
N LYS A 41 -4.88 0.14 -6.23
CA LYS A 41 -5.62 -0.42 -7.36
C LYS A 41 -6.20 0.68 -8.23
N LYS A 42 -6.59 1.79 -7.61
CA LYS A 42 -7.16 2.91 -8.33
C LYS A 42 -6.08 3.94 -8.68
N HIS A 43 -4.92 3.45 -9.11
CA HIS A 43 -3.82 4.33 -9.48
C HIS A 43 -2.98 3.70 -10.59
N ILE A 44 -2.62 2.43 -10.42
CA ILE A 44 -1.83 1.72 -11.41
C ILE A 44 -2.64 1.42 -12.66
#